data_5ID0
#
_entry.id   5ID0
#
_cell.length_a   64.060
_cell.length_b   82.710
_cell.length_c   212.390
_cell.angle_alpha   90.00
_cell.angle_beta   90.00
_cell.angle_gamma   90.00
#
_symmetry.space_group_name_H-M   'P 21 21 21'
#
loop_
_entity.id
_entity.type
_entity.pdbx_description
1 polymer 'Cetuximab Fab light chain'
2 polymer 'Cetuximab Fab heavy chain'
3 polymer 'Cyclic meditope'
4 non-polymer 2-acetamido-2-deoxy-beta-D-glucopyranose
5 non-polymer 'PHOSPHATE ION'
6 water water
#
loop_
_entity_poly.entity_id
_entity_poly.type
_entity_poly.pdbx_seq_one_letter_code
_entity_poly.pdbx_strand_id
1 'polypeptide(L)'
;DILLTQSPVILSVSPGERVSFSCRASQSIGTNIHWYQQRTNGSPRLLIKYASESISGIPSRFSGSGSGTDFTLSINSVES
EDIADYYCQQNNNWPTTFGAGTKLELKRTVAAPSVFIFPPSDEQLKSGTASVVCLLNNFYPREAKVQWKVDNALQSGNSQ
ESVTEQDSKDSTYSLSSTLTLSKADYEKHKVYACEVTHQGLSSPVTKSFNRGA
;
A,C
2 'polypeptide(L)'
;(PCA)VQLKQSGPGLVQPSQSLSITCTVSGFSLTNYGVHWVRQSPGKGLEWLGVIWSGGNTDYNTPFTSRLSINKDNSKS
QVFFKMNSLQSNDTAIYYCARALTYYDYEFAYWGQGTLVTVSAASTKGPSVFPLAPSSKSTSGGTAALGCLVKDYFPEPV
TVSWNSGALTSGVHTFPAVLQSSGLYSLSSVVTVPSSSLGTQTYICNVNHKPSNTKVDKRVEPKS
;
B,D
3 'polypeptide(L)' QFDLSTRRLK(011) E,F
#
# COMPACT_ATOMS: atom_id res chain seq x y z
N ASP A 1 -20.91 24.64 0.97
CA ASP A 1 -19.46 24.61 1.21
C ASP A 1 -18.76 23.90 0.05
N ILE A 2 -17.49 24.24 -0.18
CA ILE A 2 -16.70 23.52 -1.15
C ILE A 2 -16.23 22.19 -0.57
N LEU A 3 -16.51 21.11 -1.29
CA LEU A 3 -16.04 19.79 -0.90
C LEU A 3 -14.70 19.52 -1.56
N LEU A 4 -13.74 19.11 -0.74
CA LEU A 4 -12.41 18.80 -1.24
C LEU A 4 -12.16 17.31 -1.12
N THR A 5 -11.82 16.69 -2.25
CA THR A 5 -11.62 15.24 -2.30
C THR A 5 -10.13 14.91 -2.51
N GLN A 6 -9.50 14.30 -1.50
CA GLN A 6 -8.09 13.88 -1.61
C GLN A 6 -7.96 12.40 -1.96
N SER A 7 -7.07 12.11 -2.90
CA SER A 7 -6.88 10.76 -3.41
C SER A 7 -5.41 10.47 -3.68
N PRO A 8 -4.99 9.22 -3.44
CA PRO A 8 -5.83 8.19 -2.80
C PRO A 8 -5.77 8.40 -1.31
N VAL A 9 -6.35 7.49 -0.54
CA VAL A 9 -6.35 7.62 0.91
C VAL A 9 -4.97 7.32 1.51
N ILE A 10 -4.30 6.32 0.95
CA ILE A 10 -2.95 5.97 1.39
C ILE A 10 -2.00 5.92 0.22
N LEU A 11 -0.85 6.55 0.37
CA LEU A 11 0.24 6.37 -0.58
C LEU A 11 1.38 5.61 0.08
N SER A 12 2.01 4.72 -0.67
CA SER A 12 3.19 3.98 -0.19
C SER A 12 4.29 4.03 -1.23
N VAL A 13 5.44 4.55 -0.84
CA VAL A 13 6.57 4.71 -1.76
C VAL A 13 7.89 4.35 -1.08
N SER A 14 8.94 4.19 -1.88
CA SER A 14 10.27 3.90 -1.35
C SER A 14 11.04 5.22 -1.31
N PRO A 15 12.04 5.34 -0.43
CA PRO A 15 12.75 6.62 -0.29
C PRO A 15 13.50 7.00 -1.55
N GLY A 16 13.62 8.30 -1.80
CA GLY A 16 14.28 8.80 -2.99
C GLY A 16 13.33 8.92 -4.15
N GLU A 17 12.18 8.27 -4.04
CA GLU A 17 11.18 8.29 -5.10
C GLU A 17 10.40 9.60 -5.09
N ARG A 18 9.85 9.95 -6.22
CA ARG A 18 8.97 11.10 -6.33
C ARG A 18 7.54 10.64 -6.01
N VAL A 19 6.77 11.49 -5.34
CA VAL A 19 5.38 11.19 -5.02
C VAL A 19 4.48 12.42 -5.18
N SER A 20 3.24 12.20 -5.62
CA SER A 20 2.25 13.27 -5.81
C SER A 20 0.97 13.00 -5.02
N PHE A 21 0.39 14.07 -4.45
CA PHE A 21 -0.91 13.98 -3.80
C PHE A 21 -1.96 14.75 -4.60
N SER A 22 -3.13 14.15 -4.74
CA SER A 22 -4.18 14.79 -5.51
C SER A 22 -5.24 15.40 -4.60
N CYS A 23 -5.65 16.63 -4.90
CA CYS A 23 -6.76 17.26 -4.20
C CYS A 23 -7.71 17.88 -5.23
N ARG A 24 -8.94 17.37 -5.25
CA ARG A 24 -9.95 17.85 -6.19
C ARG A 24 -11.10 18.60 -5.52
N ALA A 25 -11.54 19.68 -6.16
CA ALA A 25 -12.58 20.53 -5.59
C ALA A 25 -13.93 20.40 -6.28
N SER A 26 -14.99 20.49 -5.49
CA SER A 26 -16.37 20.34 -6.00
C SER A 26 -16.77 21.39 -7.05
N GLN A 27 -16.13 22.55 -7.03
CA GLN A 27 -16.25 23.53 -8.12
C GLN A 27 -14.96 24.35 -8.17
N SER A 28 -14.78 25.18 -9.19
CA SER A 28 -13.52 25.87 -9.37
C SER A 28 -13.19 26.80 -8.22
N ILE A 29 -11.91 26.85 -7.86
CA ILE A 29 -11.46 27.67 -6.75
C ILE A 29 -10.17 28.41 -7.13
N GLY A 30 -9.92 28.52 -8.43
CA GLY A 30 -8.75 29.22 -8.95
C GLY A 30 -7.47 28.55 -8.50
N THR A 31 -6.61 29.28 -7.81
CA THR A 31 -5.44 28.68 -7.22
C THR A 31 -5.46 28.89 -5.72
N ASN A 32 -6.66 29.08 -5.16
CA ASN A 32 -6.80 29.39 -3.74
C ASN A 32 -6.81 28.12 -2.89
N ILE A 33 -5.67 27.44 -2.85
CA ILE A 33 -5.52 26.20 -2.13
C ILE A 33 -4.21 26.19 -1.36
N HIS A 34 -4.23 25.66 -0.14
CA HIS A 34 -3.03 25.53 0.70
C HIS A 34 -2.84 24.08 1.14
N TRP A 35 -1.58 23.71 1.39
CA TRP A 35 -1.26 22.35 1.78
C TRP A 35 -0.58 22.29 3.15
N TYR A 36 -0.91 21.26 3.92
CA TYR A 36 -0.34 21.07 5.24
C TYR A 36 0.18 19.65 5.47
N GLN A 37 1.18 19.55 6.33
CA GLN A 37 1.73 18.27 6.77
C GLN A 37 1.37 18.04 8.23
N GLN A 38 0.98 16.82 8.58
CA GLN A 38 0.79 16.46 9.98
C GLN A 38 1.54 15.19 10.34
N ARG A 39 2.59 15.36 11.15
CA ARG A 39 3.33 14.24 11.69
C ARG A 39 2.70 13.76 13.00
N THR A 40 3.06 12.55 13.39
CA THR A 40 2.54 11.92 14.61
C THR A 40 2.66 12.86 15.82
N ASN A 41 1.53 13.07 16.49
CA ASN A 41 1.41 13.98 17.63
C ASN A 41 1.69 15.47 17.34
N GLY A 42 1.62 15.86 16.07
CA GLY A 42 1.91 17.24 15.70
C GLY A 42 0.71 18.08 15.35
N SER A 43 0.92 19.38 15.24
CA SER A 43 -0.10 20.25 14.70
C SER A 43 0.22 20.36 13.22
N PRO A 44 -0.76 20.76 12.41
CA PRO A 44 -0.44 20.94 10.99
C PRO A 44 0.69 21.95 10.76
N ARG A 45 1.48 21.70 9.72
CA ARG A 45 2.57 22.55 9.28
C ARG A 45 2.25 22.98 7.83
N LEU A 46 2.23 24.28 7.58
CA LEU A 46 1.94 24.84 6.26
C LEU A 46 3.09 24.61 5.28
N LEU A 47 2.81 23.95 4.15
CA LEU A 47 3.85 23.56 3.20
C LEU A 47 3.89 24.43 1.95
N ILE A 48 2.71 24.70 1.39
CA ILE A 48 2.54 25.44 0.15
C ILE A 48 1.33 26.34 0.33
N LYS A 49 1.39 27.56 -0.18
CA LYS A 49 0.20 28.39 -0.22
C LYS A 49 -0.13 28.81 -1.66
N TYR A 50 -1.42 29.01 -1.92
CA TYR A 50 -1.90 29.47 -3.23
C TYR A 50 -1.37 28.57 -4.34
N ALA A 51 -1.52 27.27 -4.11
CA ALA A 51 -1.27 26.20 -5.07
C ALA A 51 0.18 25.91 -5.34
N SER A 52 1.03 26.94 -5.43
CA SER A 52 2.41 26.75 -5.89
C SER A 52 3.44 27.61 -5.17
N GLU A 53 2.99 28.55 -4.35
CA GLU A 53 3.92 29.48 -3.70
C GLU A 53 4.63 28.85 -2.52
N SER A 54 5.95 28.99 -2.48
CA SER A 54 6.73 28.34 -1.45
C SER A 54 6.61 29.03 -0.09
N ILE A 55 6.90 28.28 0.97
CA ILE A 55 6.82 28.77 2.34
C ILE A 55 8.22 28.75 2.94
N SER A 56 8.58 29.81 3.64
CA SER A 56 9.88 29.88 4.30
C SER A 56 10.09 28.72 5.29
N GLY A 57 11.27 28.12 5.26
CA GLY A 57 11.62 27.04 6.18
C GLY A 57 11.29 25.64 5.70
N ILE A 58 10.55 25.56 4.60
CA ILE A 58 10.11 24.28 4.06
C ILE A 58 11.10 23.83 2.99
N PRO A 59 11.56 22.57 3.07
CA PRO A 59 12.44 21.94 2.08
C PRO A 59 12.02 22.15 0.63
N SER A 60 13.01 22.34 -0.25
CA SER A 60 12.75 22.63 -1.65
C SER A 60 12.11 21.45 -2.38
N ARG A 61 12.14 20.27 -1.77
CA ARG A 61 11.60 19.09 -2.42
C ARG A 61 10.07 19.12 -2.46
N PHE A 62 9.47 20.02 -1.68
CA PHE A 62 8.05 20.24 -1.72
C PHE A 62 7.66 21.25 -2.78
N SER A 63 6.68 20.89 -3.62
CA SER A 63 6.09 21.82 -4.59
C SER A 63 4.62 21.50 -4.86
N GLY A 64 3.92 22.45 -5.44
CA GLY A 64 2.53 22.26 -5.81
C GLY A 64 2.19 22.93 -7.11
N SER A 65 1.15 22.41 -7.77
CA SER A 65 0.67 22.97 -9.02
C SER A 65 -0.83 22.76 -9.11
N GLY A 66 -1.42 23.26 -10.20
CA GLY A 66 -2.83 23.09 -10.45
C GLY A 66 -3.61 24.40 -10.37
N SER A 67 -4.85 24.35 -10.85
CA SER A 67 -5.71 25.52 -10.94
C SER A 67 -7.11 25.03 -11.28
N GLY A 68 -8.14 25.78 -10.88
CA GLY A 68 -9.49 25.36 -11.15
C GLY A 68 -10.00 24.35 -10.12
N THR A 69 -10.02 23.06 -10.50
CA THR A 69 -10.54 22.05 -9.60
C THR A 69 -9.55 20.92 -9.27
N ASP A 70 -8.45 20.84 -10.02
CA ASP A 70 -7.52 19.71 -9.90
C ASP A 70 -6.12 20.13 -9.44
N PHE A 71 -5.73 19.72 -8.24
CA PHE A 71 -4.48 20.20 -7.64
C PHE A 71 -3.52 19.11 -7.22
N THR A 72 -2.23 19.42 -7.26
CA THR A 72 -1.21 18.43 -6.92
C THR A 72 -0.11 18.95 -6.00
N LEU A 73 0.16 18.20 -4.95
CA LEU A 73 1.31 18.45 -4.08
C LEU A 73 2.34 17.37 -4.38
N SER A 74 3.57 17.78 -4.63
CA SER A 74 4.61 16.83 -5.00
C SER A 74 5.76 16.86 -4.04
N ILE A 75 6.40 15.70 -3.85
CA ILE A 75 7.70 15.61 -3.20
C ILE A 75 8.65 14.89 -4.14
N ASN A 76 9.64 15.59 -4.71
CA ASN A 76 10.46 15.01 -5.78
C ASN A 76 11.37 13.85 -5.35
N SER A 77 11.77 13.81 -4.07
CA SER A 77 12.56 12.70 -3.55
C SER A 77 12.30 12.45 -2.06
N VAL A 78 11.45 11.47 -1.78
CA VAL A 78 10.91 11.30 -0.44
C VAL A 78 11.97 10.91 0.57
N GLU A 79 11.87 11.45 1.77
CA GLU A 79 12.73 11.08 2.88
C GLU A 79 11.90 10.51 4.03
N SER A 80 12.55 9.70 4.86
CA SER A 80 11.89 9.06 6.01
C SER A 80 11.11 10.05 6.89
N GLU A 81 11.60 11.28 6.99
CA GLU A 81 10.94 12.29 7.81
C GLU A 81 9.65 12.81 7.15
N ASP A 82 9.41 12.44 5.91
CA ASP A 82 8.21 12.87 5.21
C ASP A 82 7.00 12.03 5.59
N ILE A 83 7.22 10.94 6.33
CA ILE A 83 6.11 10.11 6.79
C ILE A 83 5.15 10.97 7.61
N ALA A 84 3.93 11.11 7.10
CA ALA A 84 2.94 12.01 7.69
C ALA A 84 1.63 11.92 6.94
N ASP A 85 0.64 12.66 7.42
CA ASP A 85 -0.57 12.88 6.65
C ASP A 85 -0.50 14.26 5.99
N TYR A 86 -1.16 14.39 4.85
CA TYR A 86 -1.12 15.62 4.08
C TYR A 86 -2.53 16.11 3.77
N TYR A 87 -2.77 17.39 4.01
CA TYR A 87 -4.11 17.97 3.87
C TYR A 87 -4.10 19.16 2.93
N CYS A 88 -5.16 19.29 2.13
CA CYS A 88 -5.35 20.49 1.34
C CYS A 88 -6.44 21.36 1.96
N GLN A 89 -6.47 22.63 1.57
CA GLN A 89 -7.42 23.59 2.13
C GLN A 89 -7.75 24.58 1.03
N GLN A 90 -9.04 24.89 0.87
CA GLN A 90 -9.45 25.94 -0.07
C GLN A 90 -9.97 27.14 0.70
N ASN A 91 -9.68 28.32 0.17
CA ASN A 91 -10.27 29.54 0.70
C ASN A 91 -10.76 30.50 -0.39
N ASN A 92 -11.28 29.94 -1.47
CA ASN A 92 -11.83 30.77 -2.50
C ASN A 92 -13.26 31.12 -2.10
N ASN A 93 -13.85 30.22 -1.30
CA ASN A 93 -15.24 30.34 -0.84
C ASN A 93 -15.32 30.23 0.66
N TRP A 94 -16.18 31.02 1.28
CA TRP A 94 -16.40 30.99 2.71
C TRP A 94 -17.50 29.98 3.04
N PRO A 95 -17.29 29.13 4.06
CA PRO A 95 -16.12 29.12 4.94
C PRO A 95 -14.98 28.29 4.35
N THR A 96 -13.76 28.57 4.79
CA THR A 96 -12.63 27.76 4.35
C THR A 96 -12.84 26.31 4.77
N THR A 97 -12.45 25.36 3.93
CA THR A 97 -12.69 23.95 4.18
C THR A 97 -11.44 23.13 3.88
N PHE A 98 -11.37 21.94 4.48
CA PHE A 98 -10.19 21.10 4.36
C PHE A 98 -10.58 19.78 3.73
N GLY A 99 -9.66 19.20 2.97
CA GLY A 99 -9.85 17.83 2.51
C GLY A 99 -9.70 16.84 3.65
N ALA A 100 -9.96 15.57 3.38
CA ALA A 100 -9.90 14.55 4.42
C ALA A 100 -8.50 13.95 4.59
N GLY A 101 -7.54 14.37 3.76
CA GLY A 101 -6.16 13.93 3.90
C GLY A 101 -5.74 12.67 3.16
N THR A 102 -4.43 12.54 2.94
CA THR A 102 -3.79 11.36 2.38
C THR A 102 -2.61 10.93 3.28
N LYS A 103 -2.51 9.64 3.58
CA LYS A 103 -1.42 9.10 4.40
C LYS A 103 -0.22 8.69 3.53
N LEU A 104 0.98 9.12 3.92
CA LEU A 104 2.20 8.72 3.22
C LEU A 104 3.02 7.72 4.03
N GLU A 105 3.13 6.50 3.52
CA GLU A 105 3.93 5.47 4.17
C GLU A 105 5.21 5.24 3.38
N LEU A 106 6.25 4.80 4.08
CA LEU A 106 7.50 4.53 3.42
C LEU A 106 7.79 3.05 3.43
N LYS A 107 8.23 2.53 2.28
CA LYS A 107 8.71 1.16 2.20
C LYS A 107 10.17 1.11 2.67
N ARG A 108 10.57 -0.03 3.20
CA ARG A 108 11.98 -0.25 3.48
C ARG A 108 12.26 -1.76 3.45
N THR A 109 13.51 -2.13 3.68
CA THR A 109 13.85 -3.55 3.73
C THR A 109 13.24 -4.20 4.96
N VAL A 110 13.03 -5.51 4.88
CA VAL A 110 12.47 -6.26 5.99
C VAL A 110 13.39 -6.21 7.22
N ALA A 111 12.82 -5.93 8.39
CA ALA A 111 13.59 -5.94 9.63
C ALA A 111 12.86 -6.79 10.67
N ALA A 112 13.56 -7.80 11.17
CA ALA A 112 13.00 -8.69 12.19
C ALA A 112 12.87 -7.91 13.50
N PRO A 113 11.79 -8.16 14.27
CA PRO A 113 11.69 -7.52 15.58
C PRO A 113 12.72 -8.09 16.56
N SER A 114 13.14 -7.25 17.51
CA SER A 114 13.77 -7.73 18.73
C SER A 114 12.66 -7.90 19.75
N VAL A 115 12.62 -9.05 20.41
CA VAL A 115 11.53 -9.38 21.32
C VAL A 115 11.99 -9.38 22.77
N PHE A 116 11.22 -8.73 23.63
CA PHE A 116 11.51 -8.67 25.06
C PHE A 116 10.23 -8.91 25.82
N ILE A 117 10.32 -9.65 26.92
CA ILE A 117 9.16 -9.89 27.77
C ILE A 117 9.38 -9.30 29.17
N PHE A 118 8.32 -8.78 29.76
CA PHE A 118 8.39 -8.14 31.07
C PHE A 118 7.30 -8.70 31.96
N PRO A 119 7.70 -9.38 33.03
CA PRO A 119 6.73 -9.86 34.02
C PRO A 119 6.10 -8.68 34.73
N PRO A 120 4.96 -8.89 35.40
CA PRO A 120 4.37 -7.81 36.20
C PRO A 120 5.27 -7.41 37.37
N SER A 121 5.24 -6.13 37.71
CA SER A 121 6.02 -5.65 38.84
C SER A 121 5.34 -6.08 40.14
N ASP A 122 6.13 -6.29 41.18
CA ASP A 122 5.58 -6.56 42.50
C ASP A 122 4.70 -5.38 42.95
N GLU A 123 5.04 -4.20 42.45
CA GLU A 123 4.26 -2.99 42.66
C GLU A 123 2.82 -3.16 42.15
N GLN A 124 2.68 -3.58 40.90
CA GLN A 124 1.35 -3.74 40.32
C GLN A 124 0.59 -4.86 41.02
N LEU A 125 1.31 -5.91 41.40
CA LEU A 125 0.69 -7.03 42.08
C LEU A 125 0.02 -6.63 43.41
N LYS A 126 0.60 -5.66 44.11
CA LYS A 126 -0.03 -5.11 45.31
C LYS A 126 -1.44 -4.59 45.06
N SER A 127 -1.70 -4.15 43.84
CA SER A 127 -3.02 -3.61 43.48
C SER A 127 -4.02 -4.69 43.05
N GLY A 128 -3.57 -5.91 42.85
CA GLY A 128 -4.48 -7.01 42.55
C GLY A 128 -4.69 -7.27 41.07
N THR A 129 -3.83 -6.69 40.26
CA THR A 129 -3.87 -6.90 38.83
C THR A 129 -2.47 -7.19 38.34
N ALA A 130 -2.36 -8.04 37.32
CA ALA A 130 -1.07 -8.42 36.76
C ALA A 130 -1.02 -8.14 35.25
N SER A 131 -0.09 -7.30 34.84
CA SER A 131 0.12 -7.05 33.42
C SER A 131 1.41 -7.67 32.96
N VAL A 132 1.34 -8.54 31.96
CA VAL A 132 2.54 -9.07 31.35
C VAL A 132 2.77 -8.40 29.99
N VAL A 133 3.93 -7.81 29.81
CA VAL A 133 4.15 -7.04 28.60
C VAL A 133 5.12 -7.72 27.65
N CYS A 134 4.73 -7.79 26.39
CA CYS A 134 5.62 -8.31 25.39
C CYS A 134 5.89 -7.24 24.32
N LEU A 135 7.17 -6.99 24.09
CA LEU A 135 7.60 -5.91 23.22
C LEU A 135 8.31 -6.43 21.96
N LEU A 136 7.80 -6.02 20.81
CA LEU A 136 8.45 -6.27 19.52
C LEU A 136 9.03 -4.96 19.03
N ASN A 137 10.35 -4.88 18.97
CA ASN A 137 10.98 -3.61 18.69
C ASN A 137 11.58 -3.47 17.30
N ASN A 138 11.27 -2.34 16.65
CA ASN A 138 11.91 -1.94 15.40
C ASN A 138 11.85 -2.96 14.26
N PHE A 139 10.65 -3.22 13.77
CA PHE A 139 10.49 -4.20 12.68
C PHE A 139 9.77 -3.59 11.49
N TYR A 140 9.91 -4.24 10.34
CA TYR A 140 9.19 -3.89 9.14
C TYR A 140 9.07 -5.16 8.32
N PRO A 141 7.88 -5.43 7.77
CA PRO A 141 6.70 -4.56 7.81
C PRO A 141 5.86 -4.77 9.06
N ARG A 142 4.74 -4.05 9.11
CA ARG A 142 3.90 -3.91 10.29
C ARG A 142 3.25 -5.22 10.72
N GLU A 143 2.94 -6.07 9.74
CA GLU A 143 2.29 -7.34 10.07
C GLU A 143 3.18 -8.20 10.99
N ALA A 144 2.63 -8.53 12.16
CA ALA A 144 3.25 -9.45 13.11
C ALA A 144 2.17 -10.25 13.84
N LYS A 145 2.54 -11.38 14.41
CA LYS A 145 1.62 -12.22 15.17
C LYS A 145 2.17 -12.46 16.56
N VAL A 146 1.36 -12.20 17.58
CA VAL A 146 1.76 -12.47 18.96
C VAL A 146 0.82 -13.49 19.60
N GLN A 147 1.39 -14.61 20.04
CA GLN A 147 0.60 -15.66 20.68
C GLN A 147 1.04 -15.85 22.13
N TRP A 148 0.08 -15.71 23.04
CA TRP A 148 0.34 -15.87 24.46
C TRP A 148 -0.04 -17.26 24.92
N LYS A 149 0.76 -17.79 25.82
CA LYS A 149 0.52 -19.11 26.41
C LYS A 149 0.90 -19.10 27.88
N VAL A 150 -0.01 -19.58 28.71
CA VAL A 150 0.27 -19.73 30.13
C VAL A 150 0.18 -21.21 30.48
N ASP A 151 1.29 -21.78 30.93
CA ASP A 151 1.37 -23.21 31.19
C ASP A 151 0.78 -23.99 30.03
N ASN A 152 1.22 -23.68 28.82
CA ASN A 152 0.79 -24.41 27.62
C ASN A 152 -0.64 -24.16 27.20
N ALA A 153 -1.38 -23.35 27.96
CA ALA A 153 -2.74 -22.99 27.56
C ALA A 153 -2.72 -21.75 26.67
N LEU A 154 -3.26 -21.88 25.46
CA LEU A 154 -3.40 -20.72 24.58
C LEU A 154 -4.29 -19.65 25.20
N GLN A 155 -3.78 -18.42 25.28
CA GLN A 155 -4.54 -17.32 25.84
C GLN A 155 -5.31 -16.65 24.73
N SER A 156 -6.57 -16.33 24.99
CA SER A 156 -7.37 -15.64 23.97
C SER A 156 -8.34 -14.61 24.53
N GLY A 157 -8.31 -13.41 23.97
CA GLY A 157 -9.22 -12.36 24.37
C GLY A 157 -8.75 -11.54 25.57
N ASN A 158 -7.67 -11.97 26.21
CA ASN A 158 -7.17 -11.24 27.38
C ASN A 158 -5.85 -10.49 27.14
N SER A 159 -5.67 -9.97 25.92
CA SER A 159 -4.48 -9.20 25.62
C SER A 159 -4.84 -8.09 24.66
N GLN A 160 -4.17 -6.96 24.79
CA GLN A 160 -4.37 -5.87 23.83
C GLN A 160 -3.05 -5.49 23.20
N GLU A 161 -3.12 -5.02 21.96
CA GLU A 161 -1.93 -4.65 21.23
C GLU A 161 -1.92 -3.16 20.95
N SER A 162 -0.73 -2.60 20.82
CA SER A 162 -0.60 -1.23 20.39
C SER A 162 0.60 -1.18 19.46
N VAL A 163 0.45 -0.44 18.37
CA VAL A 163 1.51 -0.33 17.39
C VAL A 163 1.84 1.15 17.19
N THR A 164 3.11 1.51 17.26
CA THR A 164 3.49 2.89 16.99
C THR A 164 3.32 3.21 15.50
N GLU A 165 3.36 4.48 15.16
CA GLU A 165 3.41 4.90 13.77
C GLU A 165 4.85 4.70 13.31
N GLN A 166 5.10 4.83 12.02
CA GLN A 166 6.45 4.62 11.50
C GLN A 166 7.49 5.59 12.05
N ASP A 167 8.65 5.05 12.40
CA ASP A 167 9.71 5.87 12.94
C ASP A 167 10.17 6.80 11.83
N SER A 168 10.39 8.07 12.16
CA SER A 168 10.69 9.05 11.14
C SER A 168 12.13 8.95 10.68
N LYS A 169 12.94 8.17 11.41
CA LYS A 169 14.35 8.01 11.08
C LYS A 169 14.68 6.70 10.40
N ASP A 170 14.12 5.59 10.90
CA ASP A 170 14.46 4.29 10.32
C ASP A 170 13.27 3.56 9.68
N SER A 171 12.08 4.15 9.76
CA SER A 171 10.88 3.62 9.10
C SER A 171 10.33 2.32 9.70
N THR A 172 10.78 1.95 10.89
CA THR A 172 10.28 0.72 11.50
C THR A 172 9.02 0.95 12.36
N TYR A 173 8.41 -0.14 12.78
CA TYR A 173 7.33 -0.07 13.73
C TYR A 173 7.77 -0.74 15.03
N SER A 174 7.10 -0.40 16.12
CA SER A 174 7.24 -1.22 17.31
C SER A 174 5.86 -1.60 17.80
N LEU A 175 5.77 -2.74 18.49
CA LEU A 175 4.49 -3.25 18.94
C LEU A 175 4.59 -3.74 20.38
N SER A 176 3.56 -3.46 21.14
CA SER A 176 3.48 -3.99 22.48
C SER A 176 2.24 -4.86 22.56
N SER A 177 2.41 -6.05 23.11
CA SER A 177 1.28 -6.91 23.44
C SER A 177 1.24 -7.06 24.93
N THR A 178 0.12 -6.69 25.53
CA THR A 178 -0.05 -6.73 26.97
C THR A 178 -1.12 -7.75 27.36
N LEU A 179 -0.72 -8.75 28.12
CA LEU A 179 -1.62 -9.77 28.65
C LEU A 179 -2.04 -9.39 30.07
N THR A 180 -3.34 -9.28 30.30
CA THR A 180 -3.84 -8.90 31.63
C THR A 180 -4.63 -10.01 32.33
N LEU A 181 -4.18 -10.34 33.53
CA LEU A 181 -4.72 -11.39 34.39
C LEU A 181 -5.03 -10.80 35.76
N SER A 182 -6.01 -11.37 36.44
CA SER A 182 -6.24 -11.06 37.85
C SER A 182 -5.01 -11.54 38.60
N LYS A 183 -4.70 -10.92 39.74
CA LYS A 183 -3.58 -11.39 40.52
C LYS A 183 -3.81 -12.84 40.94
N ALA A 184 -5.07 -13.18 41.23
CA ALA A 184 -5.42 -14.53 41.66
C ALA A 184 -5.05 -15.56 40.56
N ASP A 185 -5.54 -15.32 39.34
CA ASP A 185 -5.22 -16.17 38.20
C ASP A 185 -3.70 -16.24 37.97
N TYR A 186 -3.05 -15.08 38.04
CA TYR A 186 -1.61 -15.01 37.81
C TYR A 186 -0.83 -15.90 38.76
N GLU A 187 -1.26 -15.96 40.02
CA GLU A 187 -0.56 -16.75 41.02
C GLU A 187 -0.81 -18.26 40.89
N LYS A 188 -1.86 -18.63 40.16
CA LYS A 188 -2.22 -20.04 39.97
C LYS A 188 -1.48 -20.69 38.81
N HIS A 189 -0.47 -20.01 38.27
CA HIS A 189 0.22 -20.52 37.09
C HIS A 189 1.72 -20.24 37.15
N LYS A 190 2.49 -20.97 36.33
CA LYS A 190 3.94 -20.82 36.35
C LYS A 190 4.58 -20.22 35.08
N VAL A 191 4.40 -20.86 33.93
CA VAL A 191 5.14 -20.47 32.73
C VAL A 191 4.40 -19.47 31.85
N TYR A 192 5.00 -18.30 31.64
CA TYR A 192 4.40 -17.25 30.81
C TYR A 192 5.22 -17.06 29.54
N ALA A 193 4.59 -17.29 28.40
CA ALA A 193 5.30 -17.25 27.12
C ALA A 193 4.63 -16.38 26.06
N CYS A 194 5.47 -15.60 25.41
CA CYS A 194 5.07 -14.73 24.34
C CYS A 194 5.76 -15.27 23.08
N GLU A 195 4.97 -15.63 22.07
CA GLU A 195 5.54 -16.18 20.82
C GLU A 195 5.31 -15.26 19.63
N VAL A 196 6.38 -14.94 18.91
CA VAL A 196 6.33 -13.90 17.89
C VAL A 196 6.58 -14.44 16.50
N THR A 197 5.74 -14.03 15.56
CA THR A 197 5.83 -14.46 14.18
C THR A 197 5.95 -13.24 13.26
N HIS A 198 6.96 -13.25 12.39
CA HIS A 198 7.21 -12.11 11.49
C HIS A 198 7.95 -12.56 10.25
N GLN A 199 7.66 -11.91 9.13
CA GLN A 199 8.27 -12.24 7.85
C GLN A 199 9.81 -12.27 7.90
N GLY A 200 10.39 -11.44 8.77
CA GLY A 200 11.83 -11.36 8.92
C GLY A 200 12.48 -12.42 9.81
N LEU A 201 11.67 -13.25 10.46
CA LEU A 201 12.19 -14.34 11.27
C LEU A 201 12.06 -15.67 10.53
N SER A 202 13.07 -16.52 10.66
CA SER A 202 13.05 -17.79 9.94
C SER A 202 12.34 -18.86 10.76
N SER A 203 12.00 -18.53 12.00
CA SER A 203 11.14 -19.36 12.83
C SER A 203 10.64 -18.50 13.98
N PRO A 204 9.51 -18.88 14.61
CA PRO A 204 8.96 -18.01 15.64
C PRO A 204 9.88 -17.86 16.83
N VAL A 205 9.92 -16.65 17.38
CA VAL A 205 10.73 -16.35 18.56
C VAL A 205 9.86 -16.41 19.81
N THR A 206 10.30 -17.15 20.80
CA THR A 206 9.54 -17.26 22.03
C THR A 206 10.33 -16.65 23.15
N LYS A 207 9.72 -15.71 23.86
CA LYS A 207 10.31 -15.20 25.09
C LYS A 207 9.41 -15.57 26.26
N SER A 208 10.00 -16.08 27.32
CA SER A 208 9.21 -16.54 28.45
C SER A 208 9.90 -16.42 29.79
N PHE A 209 9.14 -16.61 30.86
CA PHE A 209 9.67 -16.61 32.21
C PHE A 209 8.79 -17.49 33.09
N ASN A 210 9.36 -18.02 34.17
CA ASN A 210 8.57 -18.64 35.22
C ASN A 210 8.34 -17.60 36.31
N ARG A 211 7.10 -17.49 36.78
CA ARG A 211 6.80 -16.60 37.89
C ARG A 211 7.74 -16.90 39.08
N GLY A 212 8.59 -15.94 39.41
CA GLY A 212 9.61 -16.16 40.43
C GLY A 212 10.80 -16.95 39.93
N VAL B 2 7.16 33.85 16.38
CA VAL B 2 5.73 33.70 16.60
C VAL B 2 5.38 32.39 17.30
N GLN B 3 4.65 32.48 18.40
CA GLN B 3 4.21 31.28 19.11
C GLN B 3 2.79 31.41 19.65
N LEU B 4 2.09 30.28 19.68
CA LEU B 4 0.75 30.22 20.25
C LEU B 4 0.73 29.05 21.23
N LYS B 5 0.41 29.33 22.49
CA LYS B 5 0.37 28.32 23.53
C LYS B 5 -1.01 28.27 24.14
N GLN B 6 -1.62 27.10 24.07
CA GLN B 6 -3.00 26.90 24.50
C GLN B 6 -3.06 26.31 25.91
N SER B 7 -4.17 26.56 26.61
CA SER B 7 -4.39 25.91 27.90
C SER B 7 -4.53 24.39 27.75
N GLY B 8 -4.33 23.66 28.85
CA GLY B 8 -4.24 22.21 28.82
C GLY B 8 -5.49 21.39 28.55
N PRO B 9 -5.31 20.10 28.23
CA PRO B 9 -6.39 19.19 27.84
C PRO B 9 -7.30 18.84 29.03
N GLY B 10 -8.51 18.37 28.71
CA GLY B 10 -9.45 18.10 29.78
C GLY B 10 -10.79 17.54 29.38
N LEU B 11 -11.54 17.17 30.41
CA LEU B 11 -12.85 16.59 30.30
C LEU B 11 -13.87 17.72 30.33
N VAL B 12 -14.97 17.52 29.61
CA VAL B 12 -16.12 18.41 29.68
C VAL B 12 -17.35 17.51 29.72
N GLN B 13 -18.22 17.76 30.70
CA GLN B 13 -19.45 16.96 30.84
C GLN B 13 -20.39 17.29 29.69
N PRO B 14 -21.13 16.28 29.19
CA PRO B 14 -22.06 16.51 28.09
C PRO B 14 -23.05 17.61 28.42
N SER B 15 -23.42 18.40 27.41
CA SER B 15 -24.30 19.57 27.56
C SER B 15 -23.65 20.75 28.29
N GLN B 16 -22.38 20.62 28.67
CA GLN B 16 -21.67 21.73 29.30
C GLN B 16 -20.80 22.50 28.31
N SER B 17 -20.03 23.45 28.82
CA SER B 17 -19.29 24.36 27.95
C SER B 17 -17.77 24.20 28.01
N LEU B 18 -17.14 24.49 26.88
CA LEU B 18 -15.71 24.36 26.70
C LEU B 18 -15.03 25.73 26.75
N SER B 19 -13.91 25.82 27.46
CA SER B 19 -13.12 27.05 27.50
C SER B 19 -11.65 26.78 27.23
N ILE B 20 -11.09 27.47 26.24
CA ILE B 20 -9.67 27.40 25.97
C ILE B 20 -9.08 28.80 25.86
N THR B 21 -7.92 28.97 26.46
CA THR B 21 -7.17 30.22 26.37
C THR B 21 -5.98 30.01 25.44
N CYS B 22 -5.80 30.94 24.50
CA CYS B 22 -4.67 30.92 23.60
C CYS B 22 -3.83 32.14 23.91
N THR B 23 -2.61 31.91 24.40
CA THR B 23 -1.72 33.01 24.72
C THR B 23 -0.62 33.09 23.66
N VAL B 24 -0.53 34.24 22.99
CA VAL B 24 0.39 34.37 21.87
C VAL B 24 1.56 35.27 22.24
N SER B 25 2.64 35.16 21.46
CA SER B 25 3.80 36.02 21.62
C SER B 25 4.54 36.12 20.29
N GLY B 26 5.42 37.12 20.16
CA GLY B 26 6.12 37.35 18.92
C GLY B 26 5.27 38.12 17.90
N PHE B 27 4.09 38.54 18.33
CA PHE B 27 3.25 39.43 17.54
C PHE B 27 2.16 40.00 18.44
N SER B 28 1.44 41.00 17.94
CA SER B 28 0.38 41.66 18.70
C SER B 28 -1.01 41.34 18.15
N LEU B 29 -1.94 41.03 19.06
CA LEU B 29 -3.32 40.75 18.67
C LEU B 29 -3.98 41.97 18.08
N THR B 30 -3.31 43.12 18.17
CA THR B 30 -3.78 44.35 17.54
C THR B 30 -3.44 44.35 16.05
N ASN B 31 -2.47 43.51 15.69
CA ASN B 31 -2.00 43.41 14.30
C ASN B 31 -2.50 42.19 13.53
N TYR B 32 -2.85 41.13 14.24
CA TYR B 32 -3.27 39.89 13.59
C TYR B 32 -4.56 39.31 14.16
N GLY B 33 -5.34 38.70 13.27
CA GLY B 33 -6.48 37.91 13.69
C GLY B 33 -6.01 36.57 14.23
N VAL B 34 -6.82 35.94 15.07
CA VAL B 34 -6.49 34.60 15.57
C VAL B 34 -7.63 33.65 15.27
N HIS B 35 -7.32 32.52 14.65
CA HIS B 35 -8.37 31.61 14.19
C HIS B 35 -8.47 30.38 15.07
N TRP B 36 -9.66 29.78 15.09
CA TRP B 36 -9.86 28.51 15.77
C TRP B 36 -10.29 27.43 14.78
N VAL B 37 -9.61 26.28 14.88
CA VAL B 37 -9.84 25.12 14.03
C VAL B 37 -9.89 23.90 14.94
N ARG B 38 -10.69 22.90 14.58
CA ARG B 38 -10.65 21.65 15.33
C ARG B 38 -10.45 20.47 14.40
N GLN B 39 -10.11 19.34 14.99
CA GLN B 39 -9.86 18.12 14.25
C GLN B 39 -10.51 16.97 15.02
N SER B 40 -11.56 16.40 14.45
CA SER B 40 -12.29 15.31 15.10
C SER B 40 -12.22 14.05 14.23
N PRO B 41 -12.44 12.87 14.86
CA PRO B 41 -12.42 11.64 14.04
C PRO B 41 -13.44 11.68 12.90
N GLY B 42 -14.66 12.09 13.19
CA GLY B 42 -15.71 12.06 12.19
C GLY B 42 -15.69 13.13 11.12
N LYS B 43 -15.31 14.36 11.47
CA LYS B 43 -15.33 15.45 10.51
C LYS B 43 -13.96 16.00 10.12
N GLY B 44 -12.87 15.48 10.71
CA GLY B 44 -11.53 15.96 10.41
C GLY B 44 -11.34 17.43 10.75
N LEU B 45 -10.56 18.13 9.93
CA LEU B 45 -10.32 19.56 10.13
C LEU B 45 -11.54 20.43 9.80
N GLU B 46 -11.99 21.20 10.79
CA GLU B 46 -13.07 22.15 10.61
C GLU B 46 -12.59 23.49 11.08
N TRP B 47 -12.75 24.51 10.25
CA TRP B 47 -12.51 25.87 10.68
C TRP B 47 -13.73 26.32 11.47
N LEU B 48 -13.50 26.82 12.68
CA LEU B 48 -14.59 27.22 13.58
C LEU B 48 -14.93 28.72 13.55
N GLY B 49 -13.90 29.57 13.57
CA GLY B 49 -14.10 31.01 13.53
C GLY B 49 -12.82 31.81 13.73
N VAL B 50 -12.95 33.12 13.88
CA VAL B 50 -11.81 34.01 14.02
C VAL B 50 -12.19 35.26 14.82
N ILE B 51 -11.25 35.79 15.59
CA ILE B 51 -11.40 37.13 16.12
C ILE B 51 -10.36 38.01 15.42
N TRP B 52 -10.80 39.14 14.88
CA TRP B 52 -9.92 39.99 14.08
C TRP B 52 -9.20 41.02 14.94
N SER B 53 -8.20 41.67 14.35
CA SER B 53 -7.42 42.71 15.04
C SER B 53 -8.28 43.68 15.82
N GLY B 54 -9.37 44.13 15.20
CA GLY B 54 -10.22 45.16 15.75
C GLY B 54 -11.39 44.66 16.58
N GLY B 55 -11.42 43.36 16.87
CA GLY B 55 -12.41 42.80 17.77
C GLY B 55 -13.63 42.15 17.13
N ASN B 56 -13.76 42.27 15.82
CA ASN B 56 -14.87 41.61 15.12
C ASN B 56 -14.69 40.10 15.09
N THR B 57 -15.80 39.38 15.12
CA THR B 57 -15.78 37.93 15.06
C THR B 57 -16.56 37.38 13.88
N ASP B 58 -16.05 36.31 13.27
CA ASP B 58 -16.86 35.48 12.37
C ASP B 58 -16.93 34.06 12.91
N TYR B 59 -18.10 33.45 12.80
CA TYR B 59 -18.24 32.05 13.20
C TYR B 59 -18.72 31.21 12.02
N ASN B 60 -18.11 30.05 11.81
CA ASN B 60 -18.65 29.09 10.84
C ASN B 60 -20.13 28.84 11.18
N THR B 61 -20.97 28.80 10.16
CA THR B 61 -22.43 28.68 10.30
C THR B 61 -23.00 27.74 11.40
N PRO B 62 -22.57 26.47 11.45
CA PRO B 62 -23.11 25.55 12.47
C PRO B 62 -22.80 25.93 13.92
N PHE B 63 -21.96 26.93 14.13
CA PHE B 63 -21.48 27.20 15.48
C PHE B 63 -21.86 28.59 15.95
N THR B 64 -22.48 29.38 15.08
CA THR B 64 -22.84 30.76 15.40
C THR B 64 -23.57 30.90 16.75
N SER B 65 -24.47 29.95 17.03
CA SER B 65 -25.30 29.98 18.22
C SER B 65 -24.58 29.57 19.51
N ARG B 66 -23.53 28.77 19.40
CA ARG B 66 -22.92 28.27 20.62
C ARG B 66 -21.45 28.59 20.76
N LEU B 67 -20.99 29.55 19.99
CA LEU B 67 -19.58 29.89 20.00
C LEU B 67 -19.36 31.35 20.34
N SER B 68 -18.42 31.63 21.24
CA SER B 68 -18.02 33.00 21.48
C SER B 68 -16.51 33.10 21.56
N ILE B 69 -15.94 34.11 20.91
CA ILE B 69 -14.50 34.34 20.95
C ILE B 69 -14.20 35.75 21.44
N ASN B 70 -13.31 35.86 22.42
CA ASN B 70 -12.92 37.14 23.00
C ASN B 70 -11.42 37.20 23.17
N LYS B 71 -10.91 38.40 23.41
CA LYS B 71 -9.49 38.55 23.65
C LYS B 71 -9.18 39.72 24.58
N ASP B 72 -7.97 39.68 25.11
CA ASP B 72 -7.40 40.76 25.88
C ASP B 72 -6.07 41.08 25.22
N ASN B 73 -6.09 42.08 24.33
CA ASN B 73 -4.89 42.50 23.59
C ASN B 73 -3.67 42.70 24.47
N SER B 74 -3.84 43.44 25.56
CA SER B 74 -2.75 43.74 26.48
C SER B 74 -2.14 42.48 27.07
N LYS B 75 -2.98 41.50 27.38
CA LYS B 75 -2.51 40.22 27.92
C LYS B 75 -2.09 39.23 26.83
N SER B 76 -2.33 39.58 25.58
CA SER B 76 -2.05 38.70 24.45
C SER B 76 -2.79 37.37 24.57
N GLN B 77 -3.98 37.40 25.15
CA GLN B 77 -4.77 36.19 25.26
C GLN B 77 -6.02 36.26 24.40
N VAL B 78 -6.34 35.12 23.79
CA VAL B 78 -7.57 34.96 23.03
C VAL B 78 -8.37 33.88 23.74
N PHE B 79 -9.67 34.13 23.93
CA PHE B 79 -10.50 33.23 24.70
C PHE B 79 -11.58 32.55 23.86
N PHE B 80 -11.50 31.22 23.81
CA PHE B 80 -12.45 30.44 23.04
C PHE B 80 -13.47 29.82 24.01
N LYS B 81 -14.76 29.92 23.66
CA LYS B 81 -15.81 29.32 24.48
C LYS B 81 -16.94 28.75 23.62
N MET B 82 -17.20 27.46 23.78
CA MET B 82 -18.30 26.82 23.07
C MET B 82 -19.27 26.15 24.04
N ASN B 83 -20.58 26.34 23.80
CA ASN B 83 -21.62 25.85 24.71
C ASN B 83 -22.21 24.51 24.32
N SER B 84 -22.91 23.91 25.28
CA SER B 84 -23.65 22.66 25.12
C SER B 84 -22.96 21.62 24.25
N LEU B 85 -21.90 21.03 24.78
CA LEU B 85 -21.10 20.05 24.04
C LEU B 85 -21.72 18.65 24.06
N GLN B 86 -21.58 17.94 22.95
CA GLN B 86 -22.01 16.57 22.90
C GLN B 86 -20.79 15.72 22.62
N SER B 87 -20.95 14.40 22.64
CA SER B 87 -19.78 13.55 22.56
C SER B 87 -19.02 13.73 21.24
N ASN B 88 -19.71 14.09 20.17
CA ASN B 88 -18.98 14.27 18.91
C ASN B 88 -18.31 15.64 18.78
N ASP B 89 -18.29 16.40 19.87
CA ASP B 89 -17.47 17.61 19.91
C ASP B 89 -16.09 17.27 20.47
N THR B 90 -15.91 16.01 20.82
CA THR B 90 -14.59 15.49 21.21
C THR B 90 -13.65 15.68 20.03
N ALA B 91 -12.59 16.45 20.26
CA ALA B 91 -11.66 16.84 19.20
C ALA B 91 -10.41 17.46 19.79
N ILE B 92 -9.42 17.65 18.94
CA ILE B 92 -8.33 18.53 19.25
C ILE B 92 -8.71 19.89 18.73
N TYR B 93 -8.67 20.88 19.61
CA TYR B 93 -8.95 22.25 19.24
C TYR B 93 -7.62 23.00 19.14
N TYR B 94 -7.46 23.74 18.04
CA TYR B 94 -6.26 24.54 17.84
C TYR B 94 -6.62 25.99 17.68
N CYS B 95 -5.74 26.87 18.18
CA CYS B 95 -5.75 28.27 17.74
C CYS B 95 -4.67 28.46 16.67
N ALA B 96 -4.86 29.42 15.76
CA ALA B 96 -3.91 29.59 14.66
C ALA B 96 -3.86 31.02 14.12
N ARG B 97 -2.73 31.36 13.51
CA ARG B 97 -2.50 32.68 12.93
C ARG B 97 -2.05 32.54 11.49
N ALA B 98 -2.56 33.40 10.63
CA ALA B 98 -2.22 33.35 9.20
C ALA B 98 -0.91 34.08 8.93
N LEU B 99 -0.46 34.04 7.68
CA LEU B 99 0.73 34.79 7.25
C LEU B 99 0.51 36.30 7.17
N THR B 100 -0.63 36.73 6.62
CA THR B 100 -0.99 38.13 6.57
C THR B 100 -2.25 38.38 7.39
N TYR B 101 -2.45 39.61 7.83
CA TYR B 101 -3.50 39.95 8.79
C TYR B 101 -4.94 39.59 8.37
N TYR B 102 -5.20 39.53 7.07
CA TYR B 102 -6.57 39.37 6.58
C TYR B 102 -6.84 37.97 6.03
N ASP B 103 -5.81 37.14 5.99
CA ASP B 103 -5.86 35.89 5.24
C ASP B 103 -6.13 34.67 6.12
N TYR B 104 -6.07 33.50 5.49
CA TYR B 104 -6.48 32.25 6.09
C TYR B 104 -5.47 31.13 5.83
N GLU B 105 -4.26 31.50 5.41
CA GLU B 105 -3.22 30.48 5.24
C GLU B 105 -2.40 30.36 6.53
N PHE B 106 -2.68 29.29 7.28
CA PHE B 106 -2.24 29.18 8.68
C PHE B 106 -0.79 28.72 8.87
N ALA B 107 0.10 29.68 8.93
CA ALA B 107 1.52 29.40 9.09
C ALA B 107 1.92 29.10 10.54
N TYR B 108 1.06 29.47 11.50
CA TYR B 108 1.38 29.31 12.91
C TYR B 108 0.22 28.69 13.66
N TRP B 109 0.50 27.59 14.34
CA TRP B 109 -0.49 26.83 15.09
C TRP B 109 -0.12 26.69 16.57
N GLY B 110 -1.13 26.69 17.43
CA GLY B 110 -0.95 26.27 18.80
C GLY B 110 -0.72 24.77 18.83
N GLN B 111 -0.40 24.23 20.00
CA GLN B 111 -0.03 22.81 20.11
C GLN B 111 -1.26 21.91 20.19
N GLY B 112 -2.45 22.52 20.18
CA GLY B 112 -3.69 21.77 20.23
C GLY B 112 -4.11 21.41 21.65
N THR B 113 -5.41 21.37 21.88
CA THR B 113 -5.97 20.96 23.17
C THR B 113 -6.95 19.83 22.93
N LEU B 114 -6.68 18.65 23.49
CA LEU B 114 -7.58 17.50 23.34
C LEU B 114 -8.72 17.61 24.34
N VAL B 115 -9.91 17.84 23.84
CA VAL B 115 -11.06 17.95 24.70
C VAL B 115 -11.87 16.68 24.53
N THR B 116 -12.09 15.99 25.64
CA THR B 116 -12.95 14.82 25.64
C THR B 116 -14.28 15.22 26.27
N VAL B 117 -15.37 14.94 25.56
CA VAL B 117 -16.70 15.17 26.11
C VAL B 117 -17.27 13.86 26.61
N SER B 118 -17.44 13.77 27.93
CA SER B 118 -17.85 12.51 28.53
C SER B 118 -18.51 12.71 29.89
N ALA B 119 -19.37 11.77 30.25
CA ALA B 119 -20.06 11.84 31.52
C ALA B 119 -19.14 11.39 32.66
N ALA B 120 -18.09 10.65 32.30
CA ALA B 120 -17.21 10.03 33.28
C ALA B 120 -16.42 10.98 34.15
N SER B 121 -15.57 10.39 34.99
CA SER B 121 -14.79 11.15 35.96
C SER B 121 -13.31 11.13 35.57
N THR B 122 -12.61 12.21 35.89
CA THR B 122 -11.19 12.27 35.62
C THR B 122 -10.46 11.34 36.57
N LYS B 123 -9.49 10.58 36.05
CA LYS B 123 -8.72 9.66 36.88
C LYS B 123 -7.25 9.60 36.48
N GLY B 124 -6.37 9.86 37.45
CA GLY B 124 -4.94 9.77 37.24
C GLY B 124 -4.43 8.34 37.06
N PRO B 125 -3.30 8.18 36.37
CA PRO B 125 -2.74 6.83 36.16
C PRO B 125 -1.89 6.36 37.35
N SER B 126 -1.79 5.05 37.49
CA SER B 126 -0.74 4.41 38.25
C SER B 126 0.40 4.16 37.27
N VAL B 127 1.63 4.38 37.73
CA VAL B 127 2.81 4.12 36.91
C VAL B 127 3.63 2.96 37.48
N PHE B 128 3.77 1.88 36.70
CA PHE B 128 4.53 0.71 37.11
C PHE B 128 5.78 0.48 36.25
N PRO B 129 6.85 -0.02 36.86
CA PRO B 129 8.11 -0.20 36.11
C PRO B 129 8.08 -1.44 35.22
N LEU B 130 8.68 -1.32 34.04
CA LEU B 130 8.98 -2.48 33.22
C LEU B 130 10.48 -2.69 33.33
N ALA B 131 10.87 -3.50 34.31
CA ALA B 131 12.27 -3.67 34.66
C ALA B 131 13.06 -4.44 33.61
N PRO B 132 14.28 -3.97 33.30
CA PRO B 132 15.20 -4.69 32.41
C PRO B 132 15.73 -5.94 33.08
N SER B 133 16.02 -6.99 32.31
CA SER B 133 16.57 -8.23 32.84
C SER B 133 17.26 -9.01 31.73
N SER B 134 17.60 -10.27 32.00
CA SER B 134 18.14 -11.14 30.97
C SER B 134 17.08 -11.44 29.90
N LYS B 135 15.81 -11.53 30.31
CA LYS B 135 14.69 -11.74 29.40
C LYS B 135 14.38 -10.46 28.61
N SER B 136 15.21 -9.44 28.84
CA SER B 136 15.01 -8.12 28.28
C SER B 136 16.34 -7.52 27.77
N THR B 137 17.37 -8.37 27.65
CA THR B 137 18.72 -7.95 27.26
C THR B 137 19.33 -8.88 26.19
N SER B 138 19.55 -8.35 24.99
CA SER B 138 20.17 -9.13 23.93
C SER B 138 21.25 -8.36 23.18
N GLY B 139 22.46 -8.93 23.14
CA GLY B 139 23.57 -8.33 22.42
C GLY B 139 23.97 -7.01 23.05
N GLY B 140 24.01 -6.99 24.38
CA GLY B 140 24.37 -5.79 25.10
C GLY B 140 23.36 -4.65 25.06
N THR B 141 22.21 -4.85 24.44
CA THR B 141 21.15 -3.84 24.47
C THR B 141 20.01 -4.28 25.39
N ALA B 142 19.68 -3.44 26.36
CA ALA B 142 18.59 -3.74 27.30
C ALA B 142 17.34 -2.91 27.02
N ALA B 143 16.17 -3.52 27.17
CA ALA B 143 14.93 -2.76 27.03
C ALA B 143 14.31 -2.52 28.40
N LEU B 144 13.74 -1.35 28.60
CA LEU B 144 13.05 -1.08 29.86
C LEU B 144 11.94 -0.06 29.62
N GLY B 145 11.02 0.06 30.58
CA GLY B 145 9.86 0.88 30.35
C GLY B 145 9.01 1.16 31.57
N CYS B 146 7.90 1.84 31.32
CA CYS B 146 6.92 2.17 32.33
C CYS B 146 5.55 1.81 31.81
N LEU B 147 4.79 1.12 32.65
CA LEU B 147 3.40 0.86 32.35
C LEU B 147 2.56 1.99 32.96
N VAL B 148 1.90 2.76 32.11
CA VAL B 148 1.08 3.88 32.55
C VAL B 148 -0.39 3.46 32.47
N LYS B 149 -0.96 3.10 33.60
CA LYS B 149 -2.19 2.34 33.60
C LYS B 149 -3.39 3.01 34.25
N ASP B 150 -4.57 2.79 33.65
CA ASP B 150 -5.86 3.12 34.26
C ASP B 150 -6.15 4.62 34.47
N TYR B 151 -6.00 5.40 33.42
CA TYR B 151 -6.27 6.84 33.51
C TYR B 151 -7.41 7.26 32.57
N PHE B 152 -7.88 8.49 32.75
CA PHE B 152 -8.93 9.04 31.90
C PHE B 152 -9.11 10.52 32.16
N PRO B 153 -9.24 11.32 31.10
CA PRO B 153 -9.21 10.93 29.68
C PRO B 153 -7.79 10.99 29.13
N GLU B 154 -7.64 10.79 27.83
CA GLU B 154 -6.39 11.08 27.12
C GLU B 154 -6.16 12.59 27.21
N PRO B 155 -4.89 13.05 27.14
CA PRO B 155 -3.65 12.29 26.95
C PRO B 155 -2.80 12.22 28.22
N VAL B 156 -1.69 11.50 28.14
CA VAL B 156 -0.60 11.66 29.09
C VAL B 156 0.65 11.95 28.30
N THR B 157 1.55 12.75 28.87
CA THR B 157 2.86 12.88 28.28
C THR B 157 3.83 11.99 29.04
N VAL B 158 4.79 11.46 28.31
CA VAL B 158 5.81 10.65 28.92
C VAL B 158 7.11 11.09 28.29
N SER B 159 8.06 11.44 29.14
CA SER B 159 9.42 11.64 28.67
C SER B 159 10.32 10.79 29.54
N TRP B 160 11.61 10.83 29.22
CA TRP B 160 12.60 10.07 29.94
C TRP B 160 13.74 10.97 30.36
N ASN B 161 14.22 10.76 31.58
CA ASN B 161 15.31 11.54 32.16
C ASN B 161 15.14 13.03 31.93
N SER B 162 13.92 13.48 32.24
CA SER B 162 13.54 14.88 32.16
C SER B 162 13.81 15.48 30.79
N GLY B 163 13.68 14.65 29.76
CA GLY B 163 13.86 15.12 28.40
C GLY B 163 15.25 14.83 27.84
N ALA B 164 16.20 14.49 28.70
CA ALA B 164 17.57 14.22 28.25
C ALA B 164 17.69 12.91 27.47
N LEU B 165 16.74 12.01 27.62
CA LEU B 165 16.78 10.73 26.91
C LEU B 165 15.62 10.61 25.91
N THR B 166 15.96 10.60 24.62
CA THR B 166 14.95 10.57 23.56
C THR B 166 15.20 9.47 22.53
N SER B 167 16.45 9.09 22.31
CA SER B 167 16.70 8.07 21.31
C SER B 167 16.35 6.67 21.83
N GLY B 168 15.66 5.89 21.00
CA GLY B 168 15.28 4.55 21.35
C GLY B 168 13.99 4.50 22.14
N VAL B 169 13.39 5.67 22.38
CA VAL B 169 12.11 5.77 23.08
C VAL B 169 10.89 5.47 22.17
N HIS B 170 10.04 4.56 22.61
CA HIS B 170 8.73 4.37 21.97
C HIS B 170 7.63 4.50 23.02
N THR B 171 6.79 5.51 22.83
CA THR B 171 5.63 5.63 23.69
C THR B 171 4.42 5.20 22.89
N PHE B 172 3.80 4.10 23.31
CA PHE B 172 2.73 3.50 22.52
C PHE B 172 1.42 4.28 22.59
N PRO B 173 0.67 4.27 21.49
CA PRO B 173 -0.70 4.79 21.54
C PRO B 173 -1.49 4.11 22.66
N ALA B 174 -2.25 4.92 23.40
CA ALA B 174 -3.11 4.40 24.46
C ALA B 174 -4.18 3.47 23.90
N VAL B 175 -4.55 2.47 24.69
CA VAL B 175 -5.68 1.62 24.33
C VAL B 175 -6.70 1.73 25.43
N LEU B 176 -7.97 1.72 25.03
CA LEU B 176 -9.10 1.80 25.94
C LEU B 176 -9.38 0.41 26.50
N GLN B 177 -9.32 0.27 27.82
CA GLN B 177 -9.65 -1.02 28.44
C GLN B 177 -11.17 -1.16 28.60
N SER B 178 -11.61 -2.36 28.93
CA SER B 178 -13.04 -2.63 29.08
C SER B 178 -13.64 -1.81 30.23
N SER B 179 -12.79 -1.40 31.16
CA SER B 179 -13.21 -0.53 32.25
C SER B 179 -13.53 0.89 31.79
N GLY B 180 -13.17 1.24 30.56
CA GLY B 180 -13.40 2.58 30.05
C GLY B 180 -12.24 3.50 30.41
N LEU B 181 -11.17 2.89 30.92
CA LEU B 181 -9.96 3.64 31.28
C LEU B 181 -8.85 3.29 30.31
N TYR B 182 -7.97 4.26 30.05
CA TYR B 182 -6.87 4.07 29.11
C TYR B 182 -5.63 3.47 29.76
N SER B 183 -4.85 2.78 28.94
CA SER B 183 -3.59 2.21 29.37
C SER B 183 -2.54 2.37 28.28
N LEU B 184 -1.27 2.34 28.66
CA LEU B 184 -0.19 2.70 27.76
C LEU B 184 1.14 2.24 28.35
N SER B 185 2.03 1.77 27.48
CA SER B 185 3.42 1.56 27.88
C SER B 185 4.34 2.48 27.11
N SER B 186 5.46 2.82 27.74
CA SER B 186 6.51 3.59 27.08
C SER B 186 7.82 2.86 27.29
N VAL B 187 8.53 2.57 26.23
CA VAL B 187 9.77 1.82 26.38
C VAL B 187 10.98 2.57 25.86
N VAL B 188 12.15 2.10 26.25
CA VAL B 188 13.38 2.65 25.72
C VAL B 188 14.42 1.55 25.75
N THR B 189 15.27 1.48 24.72
CA THR B 189 16.38 0.54 24.70
C THR B 189 17.68 1.28 25.01
N VAL B 190 18.53 0.68 25.82
CA VAL B 190 19.75 1.34 26.26
C VAL B 190 20.86 0.29 26.33
N PRO B 191 22.12 0.74 26.37
CA PRO B 191 23.20 -0.23 26.56
C PRO B 191 23.03 -0.95 27.91
N SER B 192 23.14 -2.27 27.93
CA SER B 192 23.06 -2.99 29.19
C SER B 192 24.16 -2.60 30.18
N SER B 193 25.30 -2.11 29.68
CA SER B 193 26.42 -1.72 30.55
C SER B 193 26.14 -0.44 31.35
N SER B 194 25.12 0.30 30.92
CA SER B 194 24.77 1.56 31.56
C SER B 194 23.74 1.39 32.69
N LEU B 195 23.21 0.17 32.87
CA LEU B 195 22.22 -0.08 33.90
C LEU B 195 22.82 0.07 35.29
N GLY B 196 24.14 -0.01 35.37
CA GLY B 196 24.82 0.12 36.65
C GLY B 196 25.18 1.55 37.01
N THR B 197 25.31 2.40 36.00
CA THR B 197 25.83 3.76 36.24
C THR B 197 24.84 4.89 35.94
N GLN B 198 23.78 4.60 35.20
CA GLN B 198 22.80 5.61 34.81
C GLN B 198 21.46 5.37 35.46
N THR B 199 20.79 6.43 35.90
CA THR B 199 19.42 6.30 36.37
C THR B 199 18.41 6.45 35.22
N TYR B 200 17.37 5.60 35.23
CA TYR B 200 16.35 5.72 34.19
C TYR B 200 14.99 6.06 34.80
N ILE B 201 14.46 7.20 34.39
CA ILE B 201 13.24 7.72 34.97
C ILE B 201 12.25 8.11 33.89
N CYS B 202 11.04 7.56 33.96
CA CYS B 202 9.99 8.05 33.08
C CYS B 202 9.21 9.16 33.79
N ASN B 203 9.13 10.32 33.15
CA ASN B 203 8.38 11.43 33.71
C ASN B 203 7.01 11.41 33.12
N VAL B 204 6.04 11.08 33.94
CA VAL B 204 4.66 10.95 33.50
C VAL B 204 3.85 12.17 33.92
N ASN B 205 3.14 12.76 32.96
CA ASN B 205 2.28 13.90 33.26
C ASN B 205 0.88 13.73 32.67
N HIS B 206 -0.10 13.59 33.55
CA HIS B 206 -1.51 13.55 33.15
C HIS B 206 -2.16 14.86 33.57
N LYS B 207 -2.12 15.84 32.68
CA LYS B 207 -2.66 17.16 32.96
C LYS B 207 -4.14 17.22 33.40
N PRO B 208 -5.04 16.42 32.77
CA PRO B 208 -6.46 16.55 33.18
C PRO B 208 -6.73 16.24 34.66
N SER B 209 -5.87 15.43 35.28
CA SER B 209 -6.05 15.07 36.68
C SER B 209 -4.95 15.71 37.54
N ASN B 210 -4.08 16.48 36.89
CA ASN B 210 -2.92 17.07 37.54
C ASN B 210 -2.06 16.05 38.27
N THR B 211 -1.85 14.90 37.63
CA THR B 211 -1.03 13.85 38.23
C THR B 211 0.31 13.80 37.51
N LYS B 212 1.37 14.15 38.24
CA LYS B 212 2.74 14.05 37.74
C LYS B 212 3.51 13.02 38.57
N VAL B 213 4.04 12.01 37.88
CA VAL B 213 4.78 10.95 38.57
C VAL B 213 6.14 10.76 37.91
N ASP B 214 7.18 10.70 38.72
CA ASP B 214 8.47 10.28 38.23
C ASP B 214 8.73 8.87 38.72
N LYS B 215 8.87 7.94 37.78
CA LYS B 215 9.08 6.56 38.17
C LYS B 215 10.47 6.10 37.78
N ARG B 216 11.27 5.78 38.79
CA ARG B 216 12.59 5.18 38.60
C ARG B 216 12.42 3.71 38.19
N VAL B 217 13.10 3.30 37.13
CA VAL B 217 13.00 1.91 36.67
C VAL B 217 14.34 1.20 36.76
N GLU B 218 14.43 0.22 37.66
CA GLU B 218 15.69 -0.48 37.98
C GLU B 218 15.66 -1.93 37.55
N PRO B 219 16.84 -2.46 37.17
CA PRO B 219 16.93 -3.89 36.87
C PRO B 219 16.51 -4.69 38.10
N LYS B 220 15.88 -5.84 37.89
CA LYS B 220 15.32 -6.60 39.00
C LYS B 220 16.32 -7.63 39.53
N ASP C 1 10.33 14.95 -26.94
CA ASP C 1 8.92 14.59 -26.94
C ASP C 1 8.17 15.18 -25.74
N ILE C 2 6.86 14.94 -25.70
CA ILE C 2 6.07 15.31 -24.54
C ILE C 2 6.18 14.22 -23.48
N LEU C 3 6.53 14.61 -22.26
CA LEU C 3 6.55 13.66 -21.16
C LEU C 3 5.18 13.65 -20.45
N LEU C 4 4.64 12.47 -20.21
CA LEU C 4 3.42 12.32 -19.45
C LEU C 4 3.73 11.70 -18.09
N THR C 5 3.29 12.38 -17.04
CA THR C 5 3.50 11.89 -15.68
C THR C 5 2.17 11.44 -15.11
N GLN C 6 2.02 10.14 -14.89
CA GLN C 6 0.81 9.62 -14.26
C GLN C 6 1.02 9.42 -12.76
N SER C 7 0.00 9.73 -11.98
CA SER C 7 0.06 9.44 -10.56
C SER C 7 -1.32 9.00 -10.06
N PRO C 8 -1.36 8.19 -8.99
CA PRO C 8 -0.17 7.60 -8.36
C PRO C 8 0.32 6.40 -9.15
N VAL C 9 1.45 5.84 -8.72
CA VAL C 9 1.97 4.62 -9.32
C VAL C 9 1.02 3.46 -8.99
N ILE C 10 0.66 3.36 -7.73
CA ILE C 10 -0.29 2.35 -7.27
C ILE C 10 -1.49 3.05 -6.69
N LEU C 11 -2.66 2.77 -7.24
CA LEU C 11 -3.90 3.33 -6.74
C LEU C 11 -4.75 2.24 -6.05
N SER C 12 -4.78 2.30 -4.72
CA SER C 12 -5.47 1.28 -3.91
C SER C 12 -6.77 1.85 -3.35
N VAL C 13 -7.88 1.22 -3.69
CA VAL C 13 -9.19 1.75 -3.35
C VAL C 13 -10.16 0.66 -2.93
N SER C 14 -11.26 1.06 -2.32
CA SER C 14 -12.30 0.11 -1.91
C SER C 14 -13.42 0.07 -2.94
N PRO C 15 -14.04 -1.10 -3.12
CA PRO C 15 -15.07 -1.25 -4.16
C PRO C 15 -16.24 -0.33 -3.92
N GLY C 16 -16.80 0.22 -5.00
CA GLY C 16 -17.93 1.13 -4.91
C GLY C 16 -17.52 2.59 -4.80
N GLU C 17 -16.28 2.84 -4.39
CA GLU C 17 -15.76 4.20 -4.35
C GLU C 17 -15.60 4.84 -5.74
N ARG C 18 -15.55 6.17 -5.76
CA ARG C 18 -15.17 6.90 -6.97
C ARG C 18 -13.65 6.91 -7.06
N VAL C 19 -13.12 6.80 -8.27
CA VAL C 19 -11.68 6.62 -8.45
C VAL C 19 -11.12 7.60 -9.48
N SER C 20 -9.97 8.19 -9.17
CA SER C 20 -9.37 9.25 -9.98
C SER C 20 -7.91 9.04 -10.37
N PHE C 21 -7.65 8.93 -11.68
CA PHE C 21 -6.29 8.77 -12.18
C PHE C 21 -5.79 10.10 -12.73
N SER C 22 -4.57 10.46 -12.36
CA SER C 22 -4.02 11.75 -12.77
C SER C 22 -2.98 11.58 -13.87
N CYS C 23 -3.10 12.39 -14.93
CA CYS C 23 -2.11 12.43 -16.00
C CYS C 23 -1.70 13.88 -16.25
N ARG C 24 -0.42 14.19 -16.09
CA ARG C 24 0.07 15.55 -16.28
C ARG C 24 1.04 15.60 -17.44
N ALA C 25 0.82 16.55 -18.35
CA ALA C 25 1.69 16.71 -19.52
C ALA C 25 2.81 17.73 -19.26
N SER C 26 3.98 17.50 -19.87
CA SER C 26 5.14 18.36 -19.62
C SER C 26 4.94 19.77 -20.17
N GLN C 27 3.99 19.91 -21.09
CA GLN C 27 3.58 21.21 -21.63
C GLN C 27 2.13 21.09 -22.10
N SER C 28 1.51 22.19 -22.48
CA SER C 28 0.09 22.15 -22.84
C SER C 28 -0.19 21.32 -24.10
N ILE C 29 -1.32 20.62 -24.09
CA ILE C 29 -1.67 19.74 -25.19
C ILE C 29 -3.17 19.79 -25.46
N GLY C 30 -3.81 20.88 -25.05
CA GLY C 30 -5.23 21.06 -25.29
C GLY C 30 -6.06 19.98 -24.62
N THR C 31 -6.79 19.22 -25.43
CA THR C 31 -7.55 18.08 -24.92
C THR C 31 -7.18 16.81 -25.66
N ASN C 32 -5.97 16.80 -26.23
CA ASN C 32 -5.52 15.69 -27.07
C ASN C 32 -4.91 14.54 -26.25
N ILE C 33 -5.74 13.97 -25.36
CA ILE C 33 -5.36 12.87 -24.46
C ILE C 33 -6.28 11.69 -24.66
N HIS C 34 -5.72 10.48 -24.73
CA HIS C 34 -6.54 9.27 -24.78
C HIS C 34 -6.20 8.35 -23.60
N TRP C 35 -7.18 7.57 -23.16
CA TRP C 35 -6.96 6.70 -22.01
C TRP C 35 -7.19 5.24 -22.40
N TYR C 36 -6.41 4.34 -21.79
CA TYR C 36 -6.49 2.93 -22.09
C TYR C 36 -6.48 2.09 -20.83
N GLN C 37 -7.11 0.92 -20.94
CA GLN C 37 -7.11 -0.06 -19.87
C GLN C 37 -6.38 -1.29 -20.39
N GLN C 38 -5.51 -1.88 -19.56
CA GLN C 38 -4.88 -3.13 -19.91
C GLN C 38 -5.02 -4.10 -18.77
N ARG C 39 -5.85 -5.11 -18.98
CA ARG C 39 -6.02 -6.18 -18.01
C ARG C 39 -4.95 -7.24 -18.21
N THR C 40 -4.77 -8.08 -17.19
CA THR C 40 -3.83 -9.21 -17.23
C THR C 40 -3.88 -9.99 -18.55
N ASN C 41 -2.70 -10.19 -19.15
CA ASN C 41 -2.57 -10.87 -20.45
C ASN C 41 -3.30 -10.22 -21.64
N GLY C 42 -3.89 -9.05 -21.45
CA GLY C 42 -4.63 -8.40 -22.52
C GLY C 42 -3.85 -7.35 -23.31
N SER C 43 -4.45 -6.85 -24.39
CA SER C 43 -3.89 -5.73 -25.12
C SER C 43 -4.56 -4.52 -24.53
N PRO C 44 -4.01 -3.32 -24.74
CA PRO C 44 -4.72 -2.13 -24.25
C PRO C 44 -6.10 -2.01 -24.88
N ARG C 45 -7.04 -1.45 -24.12
CA ARG C 45 -8.41 -1.24 -24.56
C ARG C 45 -8.68 0.25 -24.38
N LEU C 46 -9.03 0.92 -25.47
CA LEU C 46 -9.35 2.34 -25.43
C LEU C 46 -10.61 2.62 -24.61
N LEU C 47 -10.53 3.57 -23.68
CA LEU C 47 -11.65 3.90 -22.79
C LEU C 47 -12.26 5.29 -23.06
N ILE C 48 -11.42 6.27 -23.34
CA ILE C 48 -11.82 7.67 -23.42
C ILE C 48 -10.92 8.34 -24.46
N LYS C 49 -11.51 9.14 -25.35
CA LYS C 49 -10.69 9.83 -26.34
C LYS C 49 -10.85 11.34 -26.22
N TYR C 50 -9.81 12.07 -26.56
CA TYR C 50 -9.81 13.53 -26.52
C TYR C 50 -10.31 14.08 -25.19
N ALA C 51 -9.67 13.62 -24.12
CA ALA C 51 -9.94 14.07 -22.74
C ALA C 51 -11.23 13.56 -22.12
N SER C 52 -12.34 13.71 -22.83
CA SER C 52 -13.65 13.52 -22.22
C SER C 52 -14.64 12.69 -23.01
N GLU C 53 -14.33 12.39 -24.26
CA GLU C 53 -15.31 11.78 -25.16
C GLU C 53 -15.38 10.26 -25.01
N SER C 54 -16.58 9.69 -25.09
CA SER C 54 -16.75 8.27 -24.81
C SER C 54 -16.60 7.34 -26.04
N ILE C 55 -16.42 6.06 -25.76
CA ILE C 55 -16.18 5.07 -26.80
C ILE C 55 -17.29 4.03 -26.72
N SER C 56 -17.78 3.62 -27.88
CA SER C 56 -18.86 2.64 -27.91
C SER C 56 -18.40 1.33 -27.27
N GLY C 57 -19.20 0.84 -26.32
CA GLY C 57 -18.93 -0.44 -25.68
C GLY C 57 -18.34 -0.31 -24.29
N ILE C 58 -17.87 0.88 -23.94
CA ILE C 58 -17.24 1.12 -22.64
C ILE C 58 -18.28 1.51 -21.60
N PRO C 59 -18.22 0.89 -20.42
CA PRO C 59 -19.15 1.19 -19.32
C PRO C 59 -19.24 2.69 -19.03
N SER C 60 -20.47 3.16 -18.82
CA SER C 60 -20.76 4.56 -18.54
C SER C 60 -20.11 5.04 -17.24
N ARG C 61 -19.60 4.12 -16.43
CA ARG C 61 -18.95 4.51 -15.18
C ARG C 61 -17.56 5.13 -15.43
N PHE C 62 -17.05 4.95 -16.64
CA PHE C 62 -15.81 5.60 -17.03
C PHE C 62 -16.12 6.97 -17.60
N SER C 63 -15.36 7.97 -17.19
CA SER C 63 -15.39 9.29 -17.84
C SER C 63 -14.03 9.99 -17.70
N GLY C 64 -13.87 11.11 -18.40
CA GLY C 64 -12.63 11.87 -18.32
C GLY C 64 -12.84 13.37 -18.35
N SER C 65 -11.88 14.11 -17.83
CA SER C 65 -11.96 15.57 -17.83
C SER C 65 -10.56 16.13 -17.93
N GLY C 66 -10.47 17.44 -18.14
CA GLY C 66 -9.19 18.12 -18.15
C GLY C 66 -8.86 18.78 -19.47
N SER C 67 -8.07 19.84 -19.40
CA SER C 67 -7.56 20.51 -20.59
C SER C 67 -6.31 21.28 -20.20
N GLY C 68 -5.39 21.44 -21.15
CA GLY C 68 -4.13 22.11 -20.87
C GLY C 68 -3.07 21.09 -20.53
N THR C 69 -2.77 20.93 -19.24
CA THR C 69 -1.74 19.98 -18.80
C THR C 69 -2.23 18.91 -17.84
N ASP C 70 -3.30 19.17 -17.09
CA ASP C 70 -3.78 18.22 -16.08
C ASP C 70 -5.04 17.47 -16.50
N PHE C 71 -4.99 16.14 -16.47
CA PHE C 71 -6.10 15.33 -16.96
C PHE C 71 -6.47 14.27 -15.94
N THR C 72 -7.73 13.86 -16.00
CA THR C 72 -8.25 12.91 -15.04
C THR C 72 -9.09 11.81 -15.68
N LEU C 73 -8.81 10.57 -15.31
CA LEU C 73 -9.66 9.45 -15.68
C LEU C 73 -10.47 9.08 -14.44
N SER C 74 -11.80 9.03 -14.59
CA SER C 74 -12.68 8.78 -13.45
C SER C 74 -13.53 7.53 -13.60
N ILE C 75 -13.51 6.71 -12.56
CA ILE C 75 -14.45 5.60 -12.44
C ILE C 75 -15.32 5.92 -11.24
N ASN C 76 -16.60 6.18 -11.47
CA ASN C 76 -17.45 6.72 -10.39
C ASN C 76 -17.82 5.72 -9.30
N SER C 77 -17.88 4.44 -9.65
CA SER C 77 -18.12 3.39 -8.67
C SER C 77 -17.35 2.16 -9.10
N VAL C 78 -16.11 2.08 -8.64
CA VAL C 78 -15.16 1.06 -9.09
C VAL C 78 -15.63 -0.35 -8.77
N GLU C 79 -15.38 -1.27 -9.71
CA GLU C 79 -15.76 -2.67 -9.52
C GLU C 79 -14.51 -3.54 -9.59
N SER C 80 -14.62 -4.77 -9.12
CA SER C 80 -13.49 -5.67 -9.10
C SER C 80 -13.00 -6.00 -10.52
N GLU C 81 -13.88 -5.93 -11.50
CA GLU C 81 -13.48 -6.19 -12.87
C GLU C 81 -12.65 -5.04 -13.45
N ASP C 82 -12.58 -3.93 -12.74
CA ASP C 82 -11.80 -2.80 -13.19
C ASP C 82 -10.33 -2.93 -12.81
N ILE C 83 -9.99 -3.99 -12.07
CA ILE C 83 -8.60 -4.26 -11.74
C ILE C 83 -7.79 -4.41 -13.03
N ALA C 84 -6.80 -3.54 -13.19
CA ALA C 84 -6.02 -3.44 -14.42
C ALA C 84 -5.00 -2.33 -14.27
N ASP C 85 -4.23 -2.09 -15.33
CA ASP C 85 -3.43 -0.88 -15.41
C ASP C 85 -4.11 0.12 -16.33
N TYR C 86 -3.80 1.40 -16.09
CA TYR C 86 -4.44 2.49 -16.84
C TYR C 86 -3.39 3.45 -17.39
N TYR C 87 -3.44 3.69 -18.69
CA TYR C 87 -2.46 4.53 -19.37
C TYR C 87 -3.10 5.73 -20.05
N CYS C 88 -2.38 6.84 -20.05
CA CYS C 88 -2.78 7.98 -20.87
C CYS C 88 -1.81 8.12 -22.06
N GLN C 89 -2.30 8.74 -23.14
CA GLN C 89 -1.55 8.94 -24.36
C GLN C 89 -1.87 10.35 -24.84
N GLN C 90 -0.85 11.08 -25.27
CA GLN C 90 -1.04 12.37 -25.90
C GLN C 90 -0.73 12.28 -27.40
N ASN C 91 -1.46 13.05 -28.20
CA ASN C 91 -1.16 13.19 -29.63
C ASN C 91 -1.33 14.63 -30.13
N ASN C 92 -0.89 15.59 -29.33
CA ASN C 92 -0.86 16.97 -29.80
C ASN C 92 0.50 17.27 -30.46
N ASN C 93 1.52 16.53 -30.05
CA ASN C 93 2.83 16.69 -30.64
C ASN C 93 3.42 15.37 -31.11
N TRP C 94 3.84 15.32 -32.36
CA TRP C 94 4.47 14.12 -32.90
C TRP C 94 5.83 13.94 -32.23
N PRO C 95 6.16 12.70 -31.84
CA PRO C 95 5.31 11.51 -31.98
C PRO C 95 4.36 11.36 -30.80
N THR C 96 3.28 10.63 -31.02
CA THR C 96 2.40 10.24 -29.91
C THR C 96 3.19 9.46 -28.85
N THR C 97 2.97 9.79 -27.59
CA THR C 97 3.71 9.16 -26.50
C THR C 97 2.74 8.73 -25.43
N PHE C 98 3.16 7.84 -24.54
CA PHE C 98 2.29 7.31 -23.49
C PHE C 98 2.85 7.59 -22.11
N GLY C 99 1.99 7.66 -21.11
CA GLY C 99 2.45 7.70 -19.73
C GLY C 99 2.99 6.36 -19.26
N ALA C 100 3.52 6.30 -18.04
CA ALA C 100 4.10 5.06 -17.53
C ALA C 100 3.07 4.16 -16.83
N GLY C 101 1.87 4.69 -16.60
CA GLY C 101 0.77 3.89 -16.08
C GLY C 101 0.49 4.00 -14.59
N THR C 102 -0.74 3.70 -14.22
CA THR C 102 -1.14 3.57 -12.82
C THR C 102 -1.78 2.20 -12.61
N LYS C 103 -1.35 1.49 -11.58
CA LYS C 103 -1.91 0.18 -11.25
C LYS C 103 -3.12 0.32 -10.31
N LEU C 104 -4.24 -0.27 -10.69
CA LEU C 104 -5.41 -0.23 -9.84
C LEU C 104 -5.55 -1.50 -9.02
N GLU C 105 -5.47 -1.35 -7.70
CA GLU C 105 -5.67 -2.45 -6.78
C GLU C 105 -6.98 -2.28 -5.99
N LEU C 106 -7.64 -3.38 -5.69
CA LEU C 106 -8.85 -3.29 -4.88
C LEU C 106 -8.69 -3.88 -3.49
N LYS C 107 -9.11 -3.12 -2.49
CA LYS C 107 -9.10 -3.56 -1.10
C LYS C 107 -10.25 -4.52 -0.88
N ARG C 108 -10.10 -5.42 0.08
CA ARG C 108 -11.18 -6.30 0.49
C ARG C 108 -10.88 -6.85 1.87
N THR C 109 -11.80 -7.64 2.40
CA THR C 109 -11.63 -8.22 3.71
C THR C 109 -10.55 -9.28 3.64
N VAL C 110 -9.89 -9.49 4.77
CA VAL C 110 -8.90 -10.55 4.91
C VAL C 110 -9.50 -11.93 4.62
N ALA C 111 -8.85 -12.67 3.74
CA ALA C 111 -9.20 -14.06 3.45
C ALA C 111 -7.97 -14.94 3.56
N ALA C 112 -8.07 -15.97 4.39
CA ALA C 112 -6.98 -16.91 4.62
C ALA C 112 -6.81 -17.84 3.43
N PRO C 113 -5.57 -18.25 3.15
CA PRO C 113 -5.35 -19.16 2.02
C PRO C 113 -5.77 -20.59 2.32
N SER C 114 -6.32 -21.26 1.32
CA SER C 114 -6.45 -22.72 1.33
C SER C 114 -5.16 -23.30 0.78
N VAL C 115 -4.61 -24.29 1.47
CA VAL C 115 -3.29 -24.80 1.13
C VAL C 115 -3.34 -26.23 0.59
N PHE C 116 -2.58 -26.48 -0.47
CA PHE C 116 -2.50 -27.81 -1.09
C PHE C 116 -1.06 -28.13 -1.43
N ILE C 117 -0.67 -29.39 -1.20
CA ILE C 117 0.67 -29.83 -1.55
C ILE C 117 0.60 -30.94 -2.60
N PHE C 118 1.58 -30.96 -3.50
CA PHE C 118 1.63 -31.93 -4.57
C PHE C 118 3.04 -32.53 -4.64
N PRO C 119 3.13 -33.86 -4.48
CA PRO C 119 4.41 -34.54 -4.61
C PRO C 119 4.82 -34.54 -6.06
N PRO C 120 6.12 -34.79 -6.33
CA PRO C 120 6.54 -34.90 -7.72
C PRO C 120 5.91 -36.13 -8.38
N SER C 121 5.78 -36.08 -9.70
CA SER C 121 5.21 -37.18 -10.46
C SER C 121 6.29 -38.22 -10.71
N ASP C 122 5.90 -39.47 -10.87
CA ASP C 122 6.88 -40.51 -11.17
C ASP C 122 7.54 -40.26 -12.52
N GLU C 123 6.82 -39.62 -13.44
CA GLU C 123 7.35 -39.30 -14.76
CA GLU C 123 7.38 -39.32 -14.76
C GLU C 123 8.53 -38.31 -14.72
N GLN C 124 8.40 -37.27 -13.90
CA GLN C 124 9.47 -36.30 -13.79
C GLN C 124 10.70 -36.94 -13.15
N LEU C 125 10.47 -37.83 -12.19
CA LEU C 125 11.58 -38.46 -11.47
C LEU C 125 12.59 -39.12 -12.42
N LYS C 126 12.08 -39.73 -13.50
CA LYS C 126 12.93 -40.32 -14.54
C LYS C 126 13.95 -39.32 -15.07
N SER C 127 13.63 -38.03 -14.99
CA SER C 127 14.49 -37.02 -15.57
C SER C 127 15.63 -36.62 -14.63
N GLY C 128 15.60 -37.10 -13.39
CA GLY C 128 16.64 -36.79 -12.43
C GLY C 128 16.32 -35.66 -11.47
N THR C 129 15.16 -35.03 -11.66
CA THR C 129 14.72 -33.92 -10.83
C THR C 129 13.36 -34.18 -10.20
N ALA C 130 13.18 -33.75 -8.95
CA ALA C 130 11.87 -33.75 -8.31
C ALA C 130 11.36 -32.32 -8.04
N SER C 131 10.22 -31.94 -8.60
CA SER C 131 9.57 -30.68 -8.23
C SER C 131 8.49 -30.92 -7.20
N VAL C 132 8.56 -30.24 -6.06
CA VAL C 132 7.47 -30.31 -5.10
C VAL C 132 6.75 -28.96 -5.06
N VAL C 133 5.43 -28.99 -5.16
CA VAL C 133 4.70 -27.75 -5.37
C VAL C 133 3.70 -27.53 -4.26
N CYS C 134 3.58 -26.26 -3.85
CA CYS C 134 2.64 -25.89 -2.83
C CYS C 134 1.72 -24.74 -3.29
N LEU C 135 0.41 -24.99 -3.24
CA LEU C 135 -0.56 -24.03 -3.68
C LEU C 135 -1.20 -23.33 -2.50
N LEU C 136 -1.27 -22.00 -2.57
CA LEU C 136 -2.04 -21.19 -1.62
C LEU C 136 -3.12 -20.51 -2.41
N ASN C 137 -4.36 -20.88 -2.14
CA ASN C 137 -5.46 -20.46 -3.01
C ASN C 137 -6.32 -19.35 -2.43
N ASN C 138 -6.57 -18.33 -3.26
CA ASN C 138 -7.60 -17.32 -3.01
C ASN C 138 -7.53 -16.62 -1.66
N PHE C 139 -6.50 -15.82 -1.44
CA PHE C 139 -6.30 -15.16 -0.15
C PHE C 139 -6.08 -13.65 -0.32
N TYR C 140 -6.23 -12.91 0.77
CA TYR C 140 -5.97 -11.49 0.79
C TYR C 140 -5.59 -11.14 2.21
N PRO C 141 -4.58 -10.28 2.39
CA PRO C 141 -3.82 -9.58 1.35
C PRO C 141 -2.71 -10.42 0.69
N ARG C 142 -1.98 -9.80 -0.21
CA ARG C 142 -1.01 -10.47 -1.08
C ARG C 142 0.18 -11.15 -0.37
N GLU C 143 0.59 -10.63 0.78
CA GLU C 143 1.77 -11.15 1.46
CA GLU C 143 1.77 -11.11 1.50
C GLU C 143 1.52 -12.44 2.23
N ALA C 144 2.37 -13.43 1.96
CA ALA C 144 2.25 -14.72 2.60
C ALA C 144 3.65 -15.31 2.63
N LYS C 145 3.91 -16.17 3.61
CA LYS C 145 5.22 -16.79 3.70
CA LYS C 145 5.22 -16.78 3.73
C LYS C 145 5.06 -18.31 3.64
N VAL C 146 5.79 -18.92 2.72
CA VAL C 146 5.82 -20.36 2.59
C VAL C 146 7.19 -20.84 2.99
N GLN C 147 7.25 -21.76 3.93
CA GLN C 147 8.50 -22.41 4.29
C GLN C 147 8.41 -23.90 4.02
N TRP C 148 9.42 -24.42 3.31
CA TRP C 148 9.55 -25.85 3.08
C TRP C 148 10.43 -26.51 4.14
N LYS C 149 9.97 -27.64 4.65
CA LYS C 149 10.78 -28.46 5.54
C LYS C 149 10.79 -29.88 4.99
N VAL C 150 11.98 -30.47 4.93
CA VAL C 150 12.13 -31.85 4.48
C VAL C 150 12.75 -32.59 5.66
N ASP C 151 12.03 -33.60 6.14
CA ASP C 151 12.35 -34.26 7.41
C ASP C 151 12.72 -33.23 8.49
N ASN C 152 11.94 -32.16 8.53
CA ASN C 152 12.06 -31.09 9.50
C ASN C 152 13.30 -30.20 9.37
N ALA C 153 14.03 -30.32 8.27
CA ALA C 153 15.09 -29.36 7.96
C ALA C 153 14.54 -28.25 7.08
N LEU C 154 14.73 -27.00 7.49
CA LEU C 154 14.28 -25.85 6.72
C LEU C 154 15.10 -25.70 5.43
N GLN C 155 14.40 -25.64 4.30
CA GLN C 155 15.02 -25.46 2.99
C GLN C 155 15.28 -23.99 2.70
N SER C 156 16.42 -23.70 2.11
CA SER C 156 16.72 -22.32 1.73
C SER C 156 17.50 -22.29 0.42
N GLY C 157 17.01 -21.50 -0.54
CA GLY C 157 17.67 -21.33 -1.83
C GLY C 157 17.23 -22.30 -2.92
N ASN C 158 16.38 -23.26 -2.58
CA ASN C 158 15.91 -24.23 -3.59
C ASN C 158 14.41 -24.11 -3.86
N SER C 159 13.87 -22.92 -3.66
CA SER C 159 12.45 -22.71 -3.92
C SER C 159 12.18 -21.40 -4.69
N GLN C 160 11.12 -21.42 -5.50
CA GLN C 160 10.67 -20.24 -6.24
C GLN C 160 9.15 -20.07 -6.13
N GLU C 161 8.72 -18.83 -6.02
CA GLU C 161 7.31 -18.53 -5.83
C GLU C 161 6.78 -17.76 -7.03
N SER C 162 5.48 -17.88 -7.27
CA SER C 162 4.80 -17.11 -8.32
C SER C 162 3.41 -16.71 -7.81
N VAL C 163 3.04 -15.46 -8.04
CA VAL C 163 1.79 -14.94 -7.52
C VAL C 163 0.92 -14.39 -8.66
N THR C 164 -0.35 -14.78 -8.69
CA THR C 164 -1.25 -14.24 -9.70
C THR C 164 -1.55 -12.78 -9.40
N GLU C 165 -1.99 -12.05 -10.41
CA GLU C 165 -2.54 -10.72 -10.22
C GLU C 165 -3.86 -10.84 -9.49
N GLN C 166 -4.38 -9.72 -9.03
CA GLN C 166 -5.60 -9.75 -8.25
C GLN C 166 -6.75 -10.24 -9.12
N ASP C 167 -7.50 -11.22 -8.61
CA ASP C 167 -8.58 -11.86 -9.34
C ASP C 167 -9.71 -10.86 -9.62
N SER C 168 -10.22 -10.85 -10.83
CA SER C 168 -11.17 -9.81 -11.21
C SER C 168 -12.57 -10.04 -10.67
N LYS C 169 -12.80 -11.19 -10.04
CA LYS C 169 -14.13 -11.47 -9.49
C LYS C 169 -14.18 -11.27 -7.98
N ASP C 170 -13.21 -11.83 -7.26
CA ASP C 170 -13.26 -11.84 -5.79
C ASP C 170 -12.12 -11.06 -5.12
N SER C 171 -11.22 -10.51 -5.94
CA SER C 171 -10.12 -9.66 -5.49
C SER C 171 -9.03 -10.38 -4.67
N THR C 172 -8.96 -11.70 -4.76
CA THR C 172 -7.90 -12.42 -4.06
C THR C 172 -6.65 -12.66 -4.92
N TYR C 173 -5.63 -13.19 -4.26
CA TYR C 173 -4.43 -13.63 -4.94
C TYR C 173 -4.29 -15.12 -4.76
N SER C 174 -3.50 -15.74 -5.62
CA SER C 174 -3.06 -17.11 -5.40
C SER C 174 -1.56 -17.16 -5.58
N LEU C 175 -0.93 -18.15 -4.94
CA LEU C 175 0.50 -18.34 -4.96
C LEU C 175 0.84 -19.82 -5.12
N SER C 176 1.83 -20.11 -5.95
CA SER C 176 2.40 -21.44 -5.97
C SER C 176 3.88 -21.33 -5.65
N SER C 177 4.35 -22.17 -4.73
CA SER C 177 5.76 -22.26 -4.41
C SER C 177 6.24 -23.60 -4.96
N THR C 178 7.40 -23.60 -5.60
CA THR C 178 7.98 -24.81 -6.14
C THR C 178 9.33 -25.11 -5.50
N LEU C 179 9.42 -26.25 -4.84
CA LEU C 179 10.69 -26.73 -4.30
C LEU C 179 11.35 -27.68 -5.32
N THR C 180 12.59 -27.38 -5.69
CA THR C 180 13.33 -28.21 -6.64
C THR C 180 14.50 -28.97 -6.00
N LEU C 181 14.46 -30.29 -6.11
CA LEU C 181 15.49 -31.17 -5.53
C LEU C 181 15.94 -32.12 -6.60
N SER C 182 17.16 -32.64 -6.47
CA SER C 182 17.61 -33.74 -7.31
C SER C 182 16.84 -35.00 -6.94
N LYS C 183 16.78 -35.95 -7.86
CA LYS C 183 16.11 -37.21 -7.58
C LYS C 183 16.76 -37.87 -6.37
N ALA C 184 18.08 -37.80 -6.34
CA ALA C 184 18.87 -38.43 -5.30
C ALA C 184 18.51 -37.89 -3.91
N ASP C 185 18.47 -36.57 -3.75
CA ASP C 185 18.10 -35.97 -2.46
C ASP C 185 16.68 -36.35 -2.09
N TYR C 186 15.77 -36.25 -3.07
CA TYR C 186 14.36 -36.53 -2.83
C TYR C 186 14.18 -37.95 -2.32
N GLU C 187 14.89 -38.90 -2.92
CA GLU C 187 14.78 -40.30 -2.52
C GLU C 187 15.34 -40.57 -1.13
N LYS C 188 16.16 -39.65 -0.63
CA LYS C 188 16.82 -39.85 0.66
C LYS C 188 16.00 -39.37 1.84
N HIS C 189 14.83 -38.79 1.59
CA HIS C 189 14.08 -38.19 2.68
C HIS C 189 12.64 -38.63 2.66
N LYS C 190 11.91 -38.38 3.75
CA LYS C 190 10.58 -38.96 3.88
C LYS C 190 9.44 -37.95 3.92
N VAL C 191 9.51 -37.04 4.88
CA VAL C 191 8.40 -36.11 5.13
C VAL C 191 8.59 -34.79 4.40
N TYR C 192 7.66 -34.47 3.53
CA TYR C 192 7.74 -33.22 2.79
C TYR C 192 6.63 -32.31 3.24
N ALA C 193 6.98 -31.07 3.57
CA ALA C 193 6.03 -30.18 4.22
C ALA C 193 6.12 -28.73 3.73
N CYS C 194 4.95 -28.18 3.52
CA CYS C 194 4.79 -26.78 3.16
C CYS C 194 4.07 -26.11 4.33
N GLU C 195 4.74 -25.16 4.98
CA GLU C 195 4.16 -24.48 6.13
C GLU C 195 3.90 -23.03 5.77
N VAL C 196 2.71 -22.55 6.11
CA VAL C 196 2.22 -21.28 5.56
C VAL C 196 1.79 -20.33 6.66
N THR C 197 2.33 -19.11 6.65
CA THR C 197 1.84 -18.04 7.53
C THR C 197 1.24 -16.90 6.72
N HIS C 198 0.25 -16.24 7.30
CA HIS C 198 -0.48 -15.21 6.59
C HIS C 198 -1.31 -14.44 7.61
N GLN C 199 -1.61 -13.17 7.30
CA GLN C 199 -2.42 -12.34 8.18
C GLN C 199 -3.75 -13.00 8.61
N GLY C 200 -4.40 -13.70 7.67
CA GLY C 200 -5.66 -14.36 7.96
C GLY C 200 -5.49 -15.65 8.74
N LEU C 201 -4.26 -15.98 9.09
CA LEU C 201 -4.02 -17.19 9.88
C LEU C 201 -3.47 -16.86 11.28
N SER C 202 -4.24 -17.20 12.30
CA SER C 202 -3.83 -16.95 13.69
C SER C 202 -2.66 -17.84 14.09
N SER C 203 -2.53 -19.00 13.43
CA SER C 203 -1.35 -19.86 13.57
C SER C 203 -1.07 -20.59 12.22
N PRO C 204 0.20 -21.01 11.97
CA PRO C 204 0.59 -21.54 10.65
C PRO C 204 -0.20 -22.75 10.20
N VAL C 205 -0.38 -22.90 8.89
CA VAL C 205 -1.03 -24.08 8.35
C VAL C 205 0.03 -24.95 7.69
N THR C 206 0.04 -26.24 8.01
CA THR C 206 1.02 -27.14 7.42
C THR C 206 0.36 -28.27 6.61
N LYS C 207 0.77 -28.39 5.35
CA LYS C 207 0.36 -29.51 4.54
C LYS C 207 1.59 -30.35 4.22
N SER C 208 1.40 -31.66 4.16
CA SER C 208 2.54 -32.53 4.03
C SER C 208 2.19 -33.91 3.47
N PHE C 209 3.20 -34.59 2.96
CA PHE C 209 3.01 -35.95 2.51
C PHE C 209 4.26 -36.73 2.86
N ASN C 210 4.14 -38.05 2.87
CA ASN C 210 5.30 -38.93 3.03
C ASN C 210 5.58 -39.63 1.72
N ARG C 211 6.83 -39.53 1.25
CA ARG C 211 7.25 -40.15 -0.01
C ARG C 211 7.02 -41.68 0.06
N GLY C 212 6.07 -42.19 -0.72
CA GLY C 212 5.76 -43.62 -0.71
C GLY C 212 4.51 -44.03 0.06
N VAL D 2 -14.21 -5.51 -36.69
CA VAL D 2 -12.80 -5.18 -36.92
C VAL D 2 -11.88 -6.07 -36.06
N GLN D 3 -10.94 -6.74 -36.72
CA GLN D 3 -9.98 -7.57 -36.01
C GLN D 3 -8.57 -7.45 -36.59
N LEU D 4 -7.56 -7.40 -35.71
CA LEU D 4 -6.17 -7.50 -36.15
C LEU D 4 -5.53 -8.73 -35.53
N LYS D 5 -5.10 -9.67 -36.37
CA LYS D 5 -4.46 -10.90 -35.91
C LYS D 5 -2.99 -10.97 -36.34
N GLN D 6 -2.12 -11.18 -35.35
CA GLN D 6 -0.68 -11.11 -35.57
C GLN D 6 -0.05 -12.49 -35.65
N SER D 7 1.10 -12.58 -36.32
CA SER D 7 1.84 -13.84 -36.33
C SER D 7 2.41 -14.14 -34.93
N GLY D 8 2.64 -15.42 -34.65
CA GLY D 8 2.98 -15.88 -33.31
C GLY D 8 4.31 -15.43 -32.71
N PRO D 9 4.50 -15.71 -31.41
CA PRO D 9 5.69 -15.34 -30.63
C PRO D 9 6.90 -16.20 -30.93
N GLY D 10 8.08 -15.70 -30.57
CA GLY D 10 9.29 -16.46 -30.76
C GLY D 10 10.59 -15.72 -30.49
N LEU D 11 11.67 -16.50 -30.60
CA LEU D 11 13.02 -16.06 -30.31
C LEU D 11 13.62 -15.38 -31.53
N VAL D 12 14.40 -14.34 -31.31
CA VAL D 12 15.23 -13.71 -32.34
C VAL D 12 16.65 -13.56 -31.80
N GLN D 13 17.65 -13.98 -32.58
CA GLN D 13 19.05 -13.89 -32.15
C GLN D 13 19.51 -12.44 -32.18
N PRO D 14 20.39 -12.05 -31.24
CA PRO D 14 20.90 -10.68 -31.21
C PRO D 14 21.55 -10.29 -32.54
N SER D 15 21.38 -9.02 -32.92
CA SER D 15 21.81 -8.49 -34.22
C SER D 15 21.01 -9.00 -35.42
N GLN D 16 20.17 -10.03 -35.24
CA GLN D 16 19.30 -10.46 -36.33
C GLN D 16 18.03 -9.60 -36.43
N SER D 17 17.19 -9.91 -37.42
CA SER D 17 16.00 -9.09 -37.68
C SER D 17 14.71 -9.70 -37.12
N LEU D 18 13.67 -8.87 -37.01
CA LEU D 18 12.40 -9.32 -36.48
C LEU D 18 11.31 -9.11 -37.52
N SER D 19 10.50 -10.13 -37.77
CA SER D 19 9.41 -10.01 -38.74
C SER D 19 8.07 -10.44 -38.16
N ILE D 20 7.08 -9.56 -38.23
CA ILE D 20 5.72 -9.87 -37.78
C ILE D 20 4.70 -9.58 -38.87
N THR D 21 3.73 -10.46 -39.03
CA THR D 21 2.64 -10.20 -39.96
C THR D 21 1.38 -9.81 -39.20
N CYS D 22 0.77 -8.69 -39.62
CA CYS D 22 -0.54 -8.30 -39.13
C CYS D 22 -1.59 -8.51 -40.23
N THR D 23 -2.54 -9.40 -39.98
CA THR D 23 -3.59 -9.71 -40.94
C THR D 23 -4.88 -9.12 -40.42
N VAL D 24 -5.52 -8.25 -41.20
CA VAL D 24 -6.69 -7.54 -40.69
C VAL D 24 -7.95 -8.02 -41.38
N SER D 25 -9.08 -7.75 -40.74
CA SER D 25 -10.40 -8.09 -41.29
C SER D 25 -11.47 -7.15 -40.74
N GLY D 26 -12.56 -6.98 -41.49
CA GLY D 26 -13.65 -6.14 -41.03
C GLY D 26 -13.47 -4.70 -41.46
N PHE D 27 -12.39 -4.48 -42.21
CA PHE D 27 -12.10 -3.19 -42.82
C PHE D 27 -11.02 -3.40 -43.86
N SER D 28 -10.71 -2.36 -44.62
CA SER D 28 -9.75 -2.47 -45.72
C SER D 28 -8.50 -1.62 -45.49
N LEU D 29 -7.35 -2.16 -45.89
CA LEU D 29 -6.09 -1.46 -45.74
C LEU D 29 -6.01 -0.26 -46.66
N THR D 30 -6.87 -0.22 -47.68
CA THR D 30 -6.90 0.95 -48.56
C THR D 30 -7.67 2.11 -47.91
N ASN D 31 -8.29 1.85 -46.78
CA ASN D 31 -9.05 2.88 -46.06
C ASN D 31 -8.42 3.38 -44.75
N TYR D 32 -7.70 2.52 -44.05
CA TYR D 32 -7.10 2.88 -42.75
C TYR D 32 -5.60 2.59 -42.69
N GLY D 33 -4.84 3.49 -42.06
CA GLY D 33 -3.45 3.22 -41.76
C GLY D 33 -3.37 2.10 -40.73
N VAL D 34 -2.24 1.42 -40.64
CA VAL D 34 -2.03 0.48 -39.52
C VAL D 34 -0.78 0.88 -38.76
N HIS D 35 -0.90 1.05 -37.45
CA HIS D 35 0.23 1.51 -36.63
C HIS D 35 0.92 0.35 -35.95
N TRP D 36 2.11 0.61 -35.41
CA TRP D 36 2.77 -0.40 -34.61
C TRP D 36 3.29 0.19 -33.30
N VAL D 37 2.91 -0.46 -32.22
CA VAL D 37 3.26 -0.05 -30.88
C VAL D 37 3.96 -1.23 -30.22
N ARG D 38 4.93 -0.96 -29.35
CA ARG D 38 5.51 -2.01 -28.53
C ARG D 38 5.48 -1.65 -27.05
N GLN D 39 5.64 -2.65 -26.20
CA GLN D 39 5.56 -2.49 -24.77
C GLN D 39 6.68 -3.28 -24.13
N SER D 40 7.64 -2.59 -23.51
CA SER D 40 8.82 -3.24 -22.95
C SER D 40 8.95 -2.88 -21.47
N PRO D 41 9.68 -3.70 -20.71
CA PRO D 41 9.88 -3.42 -19.29
C PRO D 41 10.56 -2.07 -19.05
N GLY D 42 11.52 -1.72 -19.88
CA GLY D 42 12.24 -0.47 -19.70
C GLY D 42 11.49 0.78 -20.12
N LYS D 43 10.92 0.76 -21.32
CA LYS D 43 10.37 1.96 -21.91
C LYS D 43 8.85 2.00 -21.98
N GLY D 44 8.19 0.97 -21.44
CA GLY D 44 6.74 0.91 -21.45
C GLY D 44 6.16 0.95 -22.86
N LEU D 45 5.02 1.59 -23.01
CA LEU D 45 4.39 1.77 -24.34
C LEU D 45 5.14 2.77 -25.24
N GLU D 46 5.41 2.32 -26.46
CA GLU D 46 6.19 3.09 -27.43
C GLU D 46 5.57 2.94 -28.81
N TRP D 47 5.22 4.07 -29.43
CA TRP D 47 4.78 4.10 -30.81
C TRP D 47 5.98 3.98 -31.74
N LEU D 48 5.93 3.02 -32.65
CA LEU D 48 7.06 2.71 -33.51
C LEU D 48 6.89 3.31 -34.91
N GLY D 49 5.69 3.21 -35.46
CA GLY D 49 5.41 3.73 -36.78
C GLY D 49 4.04 3.38 -37.32
N VAL D 50 3.79 3.83 -38.55
CA VAL D 50 2.51 3.65 -39.20
C VAL D 50 2.72 3.47 -40.71
N ILE D 51 1.90 2.64 -41.33
CA ILE D 51 1.79 2.69 -42.79
C ILE D 51 0.37 3.14 -43.17
N TRP D 52 0.27 4.23 -43.91
CA TRP D 52 -1.01 4.83 -44.22
C TRP D 52 -1.71 4.17 -45.41
N SER D 53 -2.99 4.51 -45.60
CA SER D 53 -3.82 3.95 -46.67
C SER D 53 -3.13 3.87 -48.02
N GLY D 54 -2.48 4.96 -48.38
CA GLY D 54 -1.85 5.09 -49.69
C GLY D 54 -0.43 4.56 -49.74
N GLY D 55 0.05 3.99 -48.64
CA GLY D 55 1.33 3.32 -48.65
C GLY D 55 2.48 4.10 -48.04
N ASN D 56 2.27 5.39 -47.76
CA ASN D 56 3.28 6.16 -47.05
C ASN D 56 3.56 5.57 -45.66
N THR D 57 4.80 5.73 -45.21
CA THR D 57 5.18 5.31 -43.87
C THR D 57 5.75 6.45 -43.07
N ASP D 58 5.54 6.38 -41.76
CA ASP D 58 6.20 7.26 -40.80
C ASP D 58 6.83 6.37 -39.75
N TYR D 59 8.06 6.70 -39.36
CA TYR D 59 8.71 5.98 -38.29
C TYR D 59 9.10 6.94 -37.17
N ASN D 60 8.88 6.49 -35.94
CA ASN D 60 9.41 7.24 -34.82
C ASN D 60 10.92 7.37 -34.98
N THR D 61 11.41 8.59 -34.77
CA THR D 61 12.80 8.95 -35.00
C THR D 61 13.87 7.91 -34.63
N PRO D 62 13.78 7.30 -33.42
CA PRO D 62 14.87 6.37 -33.10
C PRO D 62 14.78 5.00 -33.77
N PHE D 63 13.90 4.82 -34.74
CA PHE D 63 13.81 3.54 -35.43
C PHE D 63 13.93 3.73 -36.93
N THR D 64 14.07 4.99 -37.34
CA THR D 64 14.05 5.37 -38.75
C THR D 64 15.03 4.59 -39.62
N SER D 65 16.16 4.19 -39.03
CA SER D 65 17.20 3.55 -39.82
C SER D 65 17.21 2.02 -39.72
N ARG D 66 16.25 1.45 -38.99
CA ARG D 66 16.23 0.00 -38.86
C ARG D 66 14.85 -0.63 -38.94
N LEU D 67 13.86 0.18 -39.27
CA LEU D 67 12.49 -0.30 -39.34
C LEU D 67 11.97 -0.18 -40.76
N SER D 68 11.09 -1.11 -41.15
CA SER D 68 10.42 -1.02 -42.43
C SER D 68 9.03 -1.66 -42.37
N ILE D 69 8.02 -0.91 -42.77
CA ILE D 69 6.66 -1.41 -42.76
C ILE D 69 6.15 -1.47 -44.20
N ASN D 70 5.63 -2.63 -44.59
CA ASN D 70 5.02 -2.81 -45.91
C ASN D 70 3.67 -3.48 -45.80
N LYS D 71 2.95 -3.55 -46.92
CA LYS D 71 1.66 -4.23 -46.92
C LYS D 71 1.23 -4.75 -48.29
N ASP D 72 0.26 -5.66 -48.26
CA ASP D 72 -0.38 -6.17 -49.44
C ASP D 72 -1.87 -5.93 -49.26
N ASN D 73 -2.40 -4.95 -49.98
CA ASN D 73 -3.80 -4.56 -49.83
C ASN D 73 -4.79 -5.68 -50.07
N SER D 74 -4.51 -6.51 -51.08
CA SER D 74 -5.45 -7.58 -51.48
C SER D 74 -5.48 -8.71 -50.47
N LYS D 75 -4.32 -9.00 -49.88
CA LYS D 75 -4.22 -10.02 -48.84
C LYS D 75 -4.61 -9.52 -47.43
N SER D 76 -4.92 -8.23 -47.30
CA SER D 76 -5.22 -7.62 -46.00
C SER D 76 -4.13 -7.86 -44.97
N GLN D 77 -2.89 -7.78 -45.41
CA GLN D 77 -1.75 -8.08 -44.55
C GLN D 77 -0.76 -6.93 -44.47
N VAL D 78 -0.35 -6.62 -43.25
CA VAL D 78 0.69 -5.62 -43.02
C VAL D 78 1.95 -6.31 -42.52
N PHE D 79 3.11 -5.90 -43.05
CA PHE D 79 4.37 -6.54 -42.70
C PHE D 79 5.33 -5.60 -41.96
N PHE D 80 5.67 -5.98 -40.73
CA PHE D 80 6.54 -5.19 -39.88
C PHE D 80 7.91 -5.84 -39.83
N LYS D 81 8.97 -5.06 -40.07
CA LYS D 81 10.33 -5.61 -39.98
C LYS D 81 11.33 -4.66 -39.29
N MET D 82 12.01 -5.17 -38.28
CA MET D 82 13.00 -4.39 -37.56
C MET D 82 14.35 -5.10 -37.55
N ASN D 83 15.42 -4.33 -37.76
CA ASN D 83 16.76 -4.89 -37.95
C ASN D 83 17.63 -4.77 -36.72
N SER D 84 18.66 -5.63 -36.68
CA SER D 84 19.68 -5.64 -35.63
C SER D 84 19.12 -5.42 -34.23
N LEU D 85 18.33 -6.38 -33.77
CA LEU D 85 17.74 -6.33 -32.45
C LEU D 85 18.77 -6.59 -31.39
N GLN D 86 18.66 -5.86 -30.29
CA GLN D 86 19.50 -6.15 -29.14
C GLN D 86 18.62 -6.62 -28.00
N SER D 87 19.27 -7.05 -26.93
CA SER D 87 18.59 -7.57 -25.77
C SER D 87 17.39 -6.73 -25.33
N ASN D 88 17.56 -5.41 -25.29
CA ASN D 88 16.49 -4.53 -24.79
C ASN D 88 15.37 -4.25 -25.81
N ASP D 89 15.38 -4.95 -26.94
CA ASP D 89 14.28 -4.87 -27.87
C ASP D 89 13.29 -5.99 -27.54
N THR D 90 13.60 -6.74 -26.49
CA THR D 90 12.68 -7.75 -26.00
C THR D 90 11.41 -7.06 -25.53
N ALA D 91 10.29 -7.38 -26.16
CA ALA D 91 9.04 -6.70 -25.87
C ALA D 91 7.83 -7.40 -26.48
N ILE D 92 6.65 -6.91 -26.13
CA ILE D 92 5.44 -7.29 -26.83
C ILE D 92 5.14 -6.26 -27.92
N TYR D 93 4.98 -6.74 -29.16
CA TYR D 93 4.80 -5.88 -30.33
C TYR D 93 3.36 -5.96 -30.83
N TYR D 94 2.71 -4.82 -30.97
CA TYR D 94 1.31 -4.81 -31.39
C TYR D 94 1.15 -4.16 -32.76
N CYS D 95 0.16 -4.60 -33.53
CA CYS D 95 -0.33 -3.75 -34.61
C CYS D 95 -1.64 -3.13 -34.12
N ALA D 96 -2.02 -1.99 -34.69
CA ALA D 96 -3.18 -1.28 -34.19
C ALA D 96 -3.83 -0.37 -35.24
N ARG D 97 -5.15 -0.18 -35.10
CA ARG D 97 -5.92 0.70 -35.98
C ARG D 97 -6.65 1.79 -35.18
N ALA D 98 -6.64 3.00 -35.71
CA ALA D 98 -7.33 4.13 -35.08
C ALA D 98 -8.81 4.17 -35.47
N LEU D 99 -9.58 5.03 -34.79
CA LEU D 99 -10.98 5.21 -35.11
C LEU D 99 -11.18 5.86 -36.49
N THR D 100 -10.33 6.84 -36.79
CA THR D 100 -10.44 7.54 -38.07
C THR D 100 -9.18 7.29 -38.88
N TYR D 101 -9.32 7.31 -40.19
CA TYR D 101 -8.22 6.99 -41.09
C TYR D 101 -6.93 7.78 -40.84
N TYR D 102 -7.06 8.99 -40.28
CA TYR D 102 -5.91 9.87 -40.14
C TYR D 102 -5.37 10.02 -38.69
N ASP D 103 -6.13 9.49 -37.73
CA ASP D 103 -5.89 9.80 -36.32
C ASP D 103 -5.01 8.75 -35.64
N TYR D 104 -4.84 8.90 -34.33
CA TYR D 104 -3.95 8.05 -33.57
C TYR D 104 -4.62 7.58 -32.28
N GLU D 105 -5.96 7.57 -32.27
CA GLU D 105 -6.67 7.01 -31.13
C GLU D 105 -6.95 5.52 -31.39
N PHE D 106 -6.23 4.67 -30.69
CA PHE D 106 -6.15 3.27 -31.04
C PHE D 106 -7.29 2.41 -30.50
N ALA D 107 -8.35 2.31 -31.28
CA ALA D 107 -9.54 1.59 -30.86
C ALA D 107 -9.40 0.08 -31.08
N TYR D 108 -8.54 -0.35 -31.99
CA TYR D 108 -8.46 -1.77 -32.30
C TYR D 108 -7.02 -2.24 -32.23
N TRP D 109 -6.78 -3.29 -31.45
CA TRP D 109 -5.43 -3.81 -31.28
C TRP D 109 -5.30 -5.26 -31.73
N GLY D 110 -4.11 -5.65 -32.19
CA GLY D 110 -3.79 -7.05 -32.37
C GLY D 110 -3.63 -7.67 -30.99
N GLN D 111 -3.48 -8.99 -30.92
CA GLN D 111 -3.32 -9.65 -29.62
C GLN D 111 -1.92 -9.48 -29.05
N GLY D 112 -1.03 -8.90 -29.84
CA GLY D 112 0.35 -8.72 -29.44
C GLY D 112 1.21 -9.95 -29.70
N THR D 113 2.50 -9.73 -29.93
CA THR D 113 3.45 -10.81 -30.17
C THR D 113 4.66 -10.63 -29.27
N LEU D 114 4.87 -11.58 -28.36
CA LEU D 114 6.02 -11.54 -27.46
C LEU D 114 7.29 -11.95 -28.20
N VAL D 115 8.22 -11.01 -28.34
CA VAL D 115 9.49 -11.27 -29.01
C VAL D 115 10.63 -11.25 -28.01
N THR D 116 11.33 -12.37 -27.91
CA THR D 116 12.48 -12.47 -27.02
C THR D 116 13.75 -12.37 -27.84
N VAL D 117 14.64 -11.49 -27.40
CA VAL D 117 15.95 -11.42 -28.05
C VAL D 117 16.96 -12.09 -27.12
N SER D 118 17.52 -13.20 -27.58
CA SER D 118 18.41 -14.01 -26.78
C SER D 118 19.23 -14.89 -27.71
N ALA D 119 20.42 -15.28 -27.28
CA ALA D 119 21.29 -16.15 -28.09
C ALA D 119 21.00 -17.63 -27.86
N ALA D 120 20.21 -17.90 -26.83
CA ALA D 120 19.81 -19.27 -26.49
C ALA D 120 18.99 -19.99 -27.57
N SER D 121 18.64 -21.23 -27.29
CA SER D 121 17.85 -22.04 -28.21
C SER D 121 16.41 -22.13 -27.74
N THR D 122 15.52 -22.35 -28.70
CA THR D 122 14.13 -22.66 -28.39
C THR D 122 14.05 -24.07 -27.83
N LYS D 123 13.27 -24.23 -26.76
CA LYS D 123 13.04 -25.54 -26.14
C LYS D 123 11.59 -25.67 -25.62
N GLY D 124 10.95 -26.77 -25.96
CA GLY D 124 9.58 -27.00 -25.55
C GLY D 124 9.57 -27.57 -24.15
N PRO D 125 8.45 -27.40 -23.43
CA PRO D 125 8.38 -27.80 -22.03
C PRO D 125 8.06 -29.27 -21.86
N SER D 126 8.27 -29.79 -20.66
CA SER D 126 7.70 -31.07 -20.28
C SER D 126 6.51 -30.73 -19.39
N VAL D 127 5.44 -31.52 -19.51
CA VAL D 127 4.24 -31.28 -18.72
C VAL D 127 4.01 -32.43 -17.72
N PHE D 128 3.84 -32.07 -16.46
CA PHE D 128 3.72 -33.04 -15.40
C PHE D 128 2.45 -32.74 -14.60
N PRO D 129 1.79 -33.80 -14.10
CA PRO D 129 0.53 -33.61 -13.35
C PRO D 129 0.80 -33.12 -11.94
N LEU D 130 -0.07 -32.23 -11.45
CA LEU D 130 -0.10 -31.90 -10.02
C LEU D 130 -1.37 -32.54 -9.52
N ALA D 131 -1.22 -33.73 -8.91
CA ALA D 131 -2.36 -34.59 -8.64
C ALA D 131 -2.97 -34.44 -7.24
N GLY D 140 -14.49 -30.83 0.85
CA GLY D 140 -14.50 -31.72 -0.30
C GLY D 140 -14.06 -31.05 -1.59
N THR D 141 -13.30 -29.96 -1.48
CA THR D 141 -12.70 -29.34 -2.66
C THR D 141 -11.31 -29.88 -2.88
N ALA D 142 -11.03 -30.33 -4.09
CA ALA D 142 -9.70 -30.80 -4.47
C ALA D 142 -9.02 -29.79 -5.40
N ALA D 143 -7.70 -29.74 -5.33
CA ALA D 143 -6.94 -28.95 -6.27
C ALA D 143 -6.16 -29.88 -7.19
N LEU D 144 -6.06 -29.51 -8.45
CA LEU D 144 -5.16 -30.23 -9.34
C LEU D 144 -4.53 -29.25 -10.31
N GLY D 145 -3.49 -29.72 -11.00
CA GLY D 145 -2.81 -28.83 -11.90
C GLY D 145 -1.81 -29.48 -12.81
N CYS D 146 -1.18 -28.63 -13.61
CA CYS D 146 -0.13 -29.04 -14.52
C CYS D 146 1.11 -28.22 -14.25
N LEU D 147 2.25 -28.91 -14.21
CA LEU D 147 3.56 -28.27 -14.11
C LEU D 147 4.15 -28.22 -15.50
N VAL D 148 4.32 -27.01 -16.00
CA VAL D 148 4.84 -26.80 -17.35
C VAL D 148 6.28 -26.30 -17.23
N LYS D 149 7.21 -27.24 -17.46
CA LYS D 149 8.59 -27.07 -17.00
C LYS D 149 9.65 -27.03 -18.09
N ASP D 150 10.65 -26.18 -17.90
CA ASP D 150 11.86 -26.12 -18.72
C ASP D 150 11.59 -25.80 -20.19
N TYR D 151 11.07 -24.62 -20.45
CA TYR D 151 10.86 -24.19 -21.83
C TYR D 151 11.51 -22.85 -22.04
N PHE D 152 11.75 -22.50 -23.30
CA PHE D 152 12.26 -21.20 -23.66
C PHE D 152 11.94 -20.97 -25.12
N PRO D 153 11.55 -19.75 -25.49
CA PRO D 153 11.27 -18.63 -24.58
C PRO D 153 9.80 -18.61 -24.19
N GLU D 154 9.41 -17.55 -23.50
CA GLU D 154 8.01 -17.29 -23.26
C GLU D 154 7.34 -16.95 -24.59
N PRO D 155 6.01 -17.13 -24.67
CA PRO D 155 5.13 -17.66 -23.63
C PRO D 155 4.59 -19.07 -23.91
N VAL D 156 3.91 -19.63 -22.92
CA VAL D 156 3.08 -20.81 -23.15
C VAL D 156 1.64 -20.43 -22.82
N THR D 157 0.69 -21.07 -23.50
CA THR D 157 -0.71 -20.89 -23.13
C THR D 157 -1.25 -22.18 -22.56
N VAL D 158 -2.13 -22.05 -21.57
CA VAL D 158 -2.72 -23.20 -20.94
C VAL D 158 -4.21 -22.96 -20.81
N SER D 159 -5.00 -23.97 -21.16
CA SER D 159 -6.42 -23.93 -20.92
C SER D 159 -6.76 -25.26 -20.30
N TRP D 160 -8.00 -25.41 -19.88
CA TRP D 160 -8.44 -26.65 -19.28
C TRP D 160 -9.68 -27.15 -19.99
N ASN D 161 -9.68 -28.45 -20.32
CA ASN D 161 -10.81 -29.07 -21.01
C ASN D 161 -11.22 -28.30 -22.26
N SER D 162 -10.21 -27.99 -23.07
CA SER D 162 -10.37 -27.25 -24.32
C SER D 162 -11.11 -25.93 -24.14
N GLY D 163 -10.98 -25.35 -22.96
CA GLY D 163 -11.51 -24.02 -22.71
C GLY D 163 -12.91 -24.02 -22.11
N ALA D 164 -13.50 -25.22 -21.95
CA ALA D 164 -14.82 -25.34 -21.35
C ALA D 164 -14.76 -25.11 -19.85
N LEU D 165 -13.58 -25.31 -19.27
CA LEU D 165 -13.39 -25.17 -17.82
C LEU D 165 -12.57 -23.93 -17.53
N THR D 166 -13.22 -22.93 -16.95
CA THR D 166 -12.54 -21.68 -16.63
C THR D 166 -12.68 -21.30 -15.18
N SER D 167 -13.78 -21.73 -14.57
CA SER D 167 -14.06 -21.36 -13.19
C SER D 167 -13.06 -22.02 -12.24
N GLY D 168 -12.42 -21.21 -11.39
CA GLY D 168 -11.43 -21.69 -10.44
C GLY D 168 -10.07 -22.01 -11.03
N VAL D 169 -9.83 -21.65 -12.29
CA VAL D 169 -8.53 -21.85 -12.89
C VAL D 169 -7.59 -20.68 -12.56
N HIS D 170 -6.39 -21.00 -12.09
CA HIS D 170 -5.33 -20.00 -11.93
C HIS D 170 -4.08 -20.45 -12.67
N THR D 171 -3.66 -19.64 -13.64
CA THR D 171 -2.42 -19.92 -14.35
C THR D 171 -1.36 -18.89 -13.97
N PHE D 172 -0.34 -19.37 -13.27
CA PHE D 172 0.65 -18.50 -12.64
C PHE D 172 1.62 -17.89 -13.67
N PRO D 173 2.17 -16.71 -13.33
CA PRO D 173 3.25 -16.16 -14.16
C PRO D 173 4.43 -17.13 -14.18
N ALA D 174 5.02 -17.36 -15.35
CA ALA D 174 6.24 -18.16 -15.47
C ALA D 174 7.37 -17.63 -14.57
N VAL D 175 8.17 -18.51 -13.99
CA VAL D 175 9.41 -18.05 -13.38
C VAL D 175 10.61 -18.45 -14.22
N LEU D 176 11.59 -17.56 -14.24
CA LEU D 176 12.88 -17.86 -14.83
C LEU D 176 13.68 -18.66 -13.81
N GLN D 177 14.05 -19.88 -14.18
CA GLN D 177 14.81 -20.77 -13.31
C GLN D 177 16.29 -20.40 -13.43
N SER D 178 17.10 -20.90 -12.50
CA SER D 178 18.53 -20.57 -12.52
C SER D 178 19.19 -21.12 -13.77
N SER D 179 18.55 -22.12 -14.36
CA SER D 179 19.03 -22.78 -15.57
C SER D 179 18.78 -21.92 -16.80
N GLY D 180 18.00 -20.85 -16.64
CA GLY D 180 17.64 -19.98 -17.75
C GLY D 180 16.43 -20.46 -18.56
N LEU D 181 15.80 -21.53 -18.10
CA LEU D 181 14.55 -21.97 -18.71
C LEU D 181 13.38 -21.52 -17.83
N TYR D 182 12.21 -21.33 -18.44
CA TYR D 182 11.01 -20.97 -17.69
C TYR D 182 10.27 -22.16 -17.14
N SER D 183 9.60 -21.93 -16.03
CA SER D 183 8.73 -22.93 -15.46
C SER D 183 7.45 -22.23 -15.11
N LEU D 184 6.34 -22.96 -15.20
CA LEU D 184 5.03 -22.39 -14.97
C LEU D 184 4.10 -23.48 -14.41
N SER D 185 3.12 -23.07 -13.62
CA SER D 185 2.12 -23.98 -13.12
C SER D 185 0.73 -23.39 -13.37
N SER D 186 -0.21 -24.28 -13.65
CA SER D 186 -1.62 -23.92 -13.78
C SER D 186 -2.43 -24.87 -12.92
N VAL D 187 -3.33 -24.33 -12.11
CA VAL D 187 -4.14 -25.14 -11.21
C VAL D 187 -5.63 -24.84 -11.35
N VAL D 188 -6.46 -25.75 -10.87
CA VAL D 188 -7.90 -25.54 -10.86
C VAL D 188 -8.44 -26.25 -9.61
N THR D 189 -9.48 -25.69 -9.01
CA THR D 189 -10.13 -26.38 -7.91
C THR D 189 -11.45 -26.98 -8.38
N VAL D 190 -11.73 -28.19 -7.90
CA VAL D 190 -12.90 -28.96 -8.31
C VAL D 190 -13.51 -29.76 -7.14
N PRO D 191 -14.79 -30.17 -7.28
CA PRO D 191 -15.37 -31.05 -6.27
C PRO D 191 -14.66 -32.40 -6.28
N SER D 192 -14.19 -32.85 -5.12
CA SER D 192 -13.45 -34.10 -5.09
C SER D 192 -14.27 -35.31 -5.54
N SER D 193 -15.60 -35.21 -5.48
CA SER D 193 -16.44 -36.34 -5.89
C SER D 193 -16.61 -36.43 -7.40
N SER D 194 -15.99 -35.51 -8.13
CA SER D 194 -16.05 -35.52 -9.58
C SER D 194 -14.75 -36.06 -10.20
N LEU D 195 -13.74 -36.30 -9.37
CA LEU D 195 -12.45 -36.82 -9.82
C LEU D 195 -12.55 -38.19 -10.50
N GLY D 196 -13.65 -38.88 -10.24
CA GLY D 196 -13.82 -40.22 -10.75
C GLY D 196 -14.46 -40.25 -12.12
N THR D 197 -15.41 -39.34 -12.36
CA THR D 197 -16.24 -39.40 -13.57
C THR D 197 -16.04 -38.23 -14.54
N GLN D 198 -15.39 -37.16 -14.10
CA GLN D 198 -15.11 -36.05 -15.00
C GLN D 198 -13.62 -36.04 -15.33
N THR D 199 -13.27 -35.88 -16.61
CA THR D 199 -11.86 -35.80 -16.97
C THR D 199 -11.38 -34.36 -16.94
N TYR D 200 -10.16 -34.17 -16.45
CA TYR D 200 -9.53 -32.86 -16.45
C TYR D 200 -8.27 -32.88 -17.28
N ILE D 201 -8.27 -32.09 -18.34
CA ILE D 201 -7.15 -32.06 -19.26
C ILE D 201 -6.60 -30.66 -19.27
N CYS D 202 -5.29 -30.52 -19.08
CA CYS D 202 -4.69 -29.23 -19.38
C CYS D 202 -4.17 -29.23 -20.81
N ASN D 203 -4.53 -28.20 -21.54
CA ASN D 203 -4.09 -28.04 -22.91
C ASN D 203 -2.94 -27.06 -22.95
N VAL D 204 -1.75 -27.59 -23.14
CA VAL D 204 -0.56 -26.76 -23.12
C VAL D 204 -0.04 -26.55 -24.53
N ASN D 205 0.20 -25.29 -24.87
CA ASN D 205 0.74 -24.95 -26.18
C ASN D 205 1.88 -23.96 -26.03
N HIS D 206 3.06 -24.38 -26.48
CA HIS D 206 4.23 -23.52 -26.51
C HIS D 206 4.52 -23.26 -27.97
N LYS D 207 3.93 -22.20 -28.51
CA LYS D 207 4.06 -21.88 -29.93
C LYS D 207 5.50 -21.72 -30.52
N PRO D 208 6.44 -21.10 -29.78
CA PRO D 208 7.76 -20.90 -30.39
C PRO D 208 8.50 -22.21 -30.71
N SER D 209 8.08 -23.31 -30.09
CA SER D 209 8.69 -24.60 -30.39
C SER D 209 7.70 -25.52 -31.09
N ASN D 210 6.53 -24.97 -31.41
CA ASN D 210 5.40 -25.75 -31.93
C ASN D 210 5.09 -27.00 -31.11
N THR D 211 5.21 -26.90 -29.78
CA THR D 211 4.93 -28.04 -28.90
C THR D 211 3.53 -27.95 -28.30
N LYS D 212 2.73 -28.98 -28.54
CA LYS D 212 1.38 -29.05 -27.99
C LYS D 212 1.20 -30.33 -27.19
N VAL D 213 0.64 -30.20 -26.00
CA VAL D 213 0.48 -31.34 -25.12
C VAL D 213 -0.85 -31.20 -24.41
N ASP D 214 -1.67 -32.25 -24.49
CA ASP D 214 -2.87 -32.38 -23.71
C ASP D 214 -2.62 -33.38 -22.59
N LYS D 215 -2.61 -32.91 -21.35
CA LYS D 215 -2.32 -33.78 -20.21
C LYS D 215 -3.51 -33.97 -19.28
N ARG D 216 -3.86 -35.23 -19.03
CA ARG D 216 -4.90 -35.56 -18.07
C ARG D 216 -4.33 -35.63 -16.67
N VAL D 217 -5.06 -35.09 -15.71
CA VAL D 217 -4.56 -35.03 -14.34
C VAL D 217 -5.59 -35.69 -13.44
N GLU D 218 -5.16 -36.69 -12.68
CA GLU D 218 -6.07 -37.43 -11.82
C GLU D 218 -5.36 -37.90 -10.56
N PRO D 219 -6.12 -38.28 -9.52
CA PRO D 219 -5.45 -38.78 -8.31
C PRO D 219 -4.62 -40.03 -8.61
N LYS D 220 -3.45 -40.15 -7.98
CA LYS D 220 -2.62 -41.33 -8.16
C LYS D 220 -2.98 -42.46 -7.18
N GLN E 1 -9.85 7.82 8.91
CA GLN E 1 -10.32 8.46 10.15
C GLN E 1 -9.21 8.92 11.07
N PHE E 2 -9.35 10.18 11.51
CA PHE E 2 -8.41 10.81 12.40
C PHE E 2 -8.42 10.18 13.79
N ASP E 3 -7.24 9.88 14.31
CA ASP E 3 -7.11 9.29 15.65
C ASP E 3 -6.62 10.37 16.61
N LEU E 4 -7.39 10.65 17.67
CA LEU E 4 -7.02 11.70 18.62
C LEU E 4 -5.80 11.37 19.45
N SER E 5 -5.54 10.08 19.63
CA SER E 5 -4.36 9.66 20.39
C SER E 5 -3.04 10.03 19.71
N THR E 6 -2.97 9.80 18.39
CA THR E 6 -1.72 9.97 17.64
C THR E 6 -1.75 11.16 16.69
N ARG E 7 -2.93 11.71 16.45
CA ARG E 7 -3.11 12.76 15.47
C ARG E 7 -2.75 12.27 14.06
N ARG E 8 -2.99 11.01 13.81
CA ARG E 8 -2.74 10.47 12.50
C ARG E 8 -4.01 9.81 11.98
N LEU E 9 -4.11 9.75 10.66
CA LEU E 9 -5.17 8.98 10.03
C LEU E 9 -4.89 7.50 10.28
N LYS E 10 -5.95 6.75 10.57
CA LYS E 10 -5.84 5.32 10.81
C LYS E 10 -6.84 4.63 9.89
N GLN F 1 7.71 -0.60 -14.17
CA GLN F 1 8.25 -1.78 -14.84
C GLN F 1 7.17 -2.79 -15.30
N PHE F 2 6.95 -2.80 -16.61
CA PHE F 2 6.04 -3.70 -17.26
C PHE F 2 6.60 -5.11 -17.26
N ASP F 3 5.75 -6.08 -16.93
CA ASP F 3 6.14 -7.49 -16.96
C ASP F 3 5.56 -8.18 -18.19
N LEU F 4 6.46 -8.65 -19.06
CA LEU F 4 6.08 -9.27 -20.33
C LEU F 4 5.25 -10.52 -20.14
N SER F 5 5.47 -11.18 -19.01
CA SER F 5 4.79 -12.43 -18.74
C SER F 5 3.30 -12.22 -18.40
N THR F 6 2.97 -11.09 -17.77
CA THR F 6 1.58 -10.85 -17.34
C THR F 6 0.92 -9.69 -18.09
N ARG F 7 1.72 -8.95 -18.82
CA ARG F 7 1.28 -7.67 -19.39
C ARG F 7 0.71 -6.76 -18.31
N ARG F 8 1.30 -6.78 -17.12
CA ARG F 8 0.91 -5.90 -16.03
C ARG F 8 2.11 -5.19 -15.44
N LEU F 9 1.86 -4.05 -14.80
CA LEU F 9 2.92 -3.34 -14.08
C LEU F 9 3.29 -4.13 -12.82
N LYS F 10 4.57 -4.11 -12.45
CA LYS F 10 5.11 -4.92 -11.35
C LYS F 10 5.28 -4.06 -10.11
#